data_5M8Y
#
_entry.id   5M8Y
#
_cell.length_a   73.783
_cell.length_b   73.783
_cell.length_c   185.233
_cell.angle_alpha   90.00
_cell.angle_beta   90.00
_cell.angle_gamma   90.00
#
_symmetry.space_group_name_H-M   'P 41'
#
loop_
_entity.id
_entity.type
_entity.pdbx_description
1 polymer 'Tetrachloroethene reductive dehalogenase catalytic subunit PceA'
2 non-polymer 'IRON/SULFUR CLUSTER'
3 non-polymer NORPSEUDO-B12
4 non-polymer GLYCEROL
5 non-polymer 3-CHLOROPHENOL
6 water water
#
_entity_poly.entity_id   1
_entity_poly.type   'polypeptide(L)'
_entity_poly.pdbx_seq_one_letter_code
;AEKEKNAAEIRQQFAMTAGSPIIVNDKLERYAEVRTAFTHPTSFFKPNYKGEVKPWFLSAYDEKVRQIENGENGPKMKAK
NVGEARAGRALEAAGWTLDINYGNIYPNRFFMLWSGETMTNTQLWAPVGLDRRPPDTTDPVELTNYVKFAARMAGADLVG
VARLNRNWVYSEAVTIPADVPYEQSLHKEIEKPIVFKDVPLPIETDDELIIPNTCENVIVAGIAMNREMMQTAPNSMACA
TTAFCYSRMCMFDMWLCQFIRYMGYYAIPSCNGVGQSVAFAVEAGLGQASRMGACITPEFGPNVRLTKVFTNMPLVPDKP
IDFGVTEFCETCKKCARECPSKAITEGPRTFEGRSIHNQSGKLQWQNDYNKCLGYWPESGGYCGVCVAVCPFTKGNIWIH
DGVEWLIDNTRFLDPLMLGMDDALGYGAKRNITEVWDGKINTYGLDADHFRDTVSFRKDRVKKS
;
_entity_poly.pdbx_strand_id   A,B
#
loop_
_chem_comp.id
_chem_comp.type
_chem_comp.name
_chem_comp.formula
3CH non-polymer 3-CHLOROPHENOL 'C6 H5 Cl O'
BVQ non-polymer NORPSEUDO-B12 'C57 H82 Co N16 O14 P 5'
GOL non-polymer GLYCEROL 'C3 H8 O3'
SF4 non-polymer 'IRON/SULFUR CLUSTER' 'Fe4 S4'
#
# COMPACT_ATOMS: atom_id res chain seq x y z
N LYS A 3 11.12 15.36 -28.63
CA LYS A 3 10.00 15.83 -27.81
C LYS A 3 9.76 14.92 -26.59
N GLU A 4 9.73 15.53 -25.41
CA GLU A 4 9.64 14.77 -24.18
C GLU A 4 8.25 14.13 -24.05
N LYS A 5 8.23 12.88 -23.57
CA LYS A 5 6.99 12.13 -23.52
C LYS A 5 5.95 12.85 -22.68
N ASN A 6 4.73 12.91 -23.20
CA ASN A 6 3.61 13.59 -22.56
C ASN A 6 2.43 12.62 -22.53
N ALA A 7 2.27 11.90 -21.42
CA ALA A 7 1.22 10.89 -21.32
C ALA A 7 -0.16 11.52 -21.42
N ALA A 8 -0.33 12.74 -20.90
CA ALA A 8 -1.64 13.38 -20.96
C ALA A 8 -2.01 13.73 -22.40
N GLU A 9 -1.05 14.25 -23.16
CA GLU A 9 -1.26 14.52 -24.60
C GLU A 9 -1.65 13.25 -25.34
N ILE A 10 -0.96 12.15 -25.04
CA ILE A 10 -1.25 10.89 -25.71
C ILE A 10 -2.68 10.48 -25.46
N ARG A 11 -3.11 10.51 -24.19
CA ARG A 11 -4.49 10.11 -23.88
C ARG A 11 -5.49 11.03 -24.54
N GLN A 12 -5.22 12.33 -24.59
CA GLN A 12 -6.14 13.24 -25.25
C GLN A 12 -6.20 12.97 -26.75
N GLN A 13 -5.07 12.62 -27.36
CA GLN A 13 -5.05 12.41 -28.81
C GLN A 13 -5.92 11.22 -29.21
N PHE A 14 -5.95 10.18 -28.38
CA PHE A 14 -6.64 8.95 -28.72
C PHE A 14 -8.01 8.80 -28.06
N ALA A 15 -8.50 9.85 -27.40
CA ALA A 15 -9.82 9.79 -26.76
C ALA A 15 -10.91 9.56 -27.80
N MET A 16 -11.89 8.72 -27.44
N MET A 16 -11.91 8.76 -27.44
CA MET A 16 -13.06 8.42 -28.26
CA MET A 16 -13.03 8.51 -28.34
C MET A 16 -14.24 9.29 -27.83
C MET A 16 -14.31 9.13 -27.77
N THR A 17 -15.30 9.25 -28.64
CA THR A 17 -16.59 9.78 -28.19
C THR A 17 -17.23 8.80 -27.21
N ALA A 18 -18.20 9.29 -26.46
CA ALA A 18 -18.80 8.51 -25.38
C ALA A 18 -19.50 7.27 -25.95
N GLY A 19 -19.48 6.21 -25.15
CA GLY A 19 -20.15 4.97 -25.51
C GLY A 19 -19.29 3.77 -25.20
N SER A 20 -19.88 2.72 -24.61
CA SER A 20 -19.13 1.51 -24.30
C SER A 20 -18.50 0.94 -25.56
N PRO A 21 -17.17 0.75 -25.59
CA PRO A 21 -16.55 0.23 -26.81
C PRO A 21 -16.82 -1.23 -27.06
N ILE A 22 -17.30 -1.97 -26.05
CA ILE A 22 -17.41 -3.42 -26.17
C ILE A 22 -18.63 -3.75 -27.03
N ILE A 23 -18.42 -4.55 -28.06
CA ILE A 23 -19.47 -4.92 -29.00
C ILE A 23 -20.11 -6.21 -28.51
N VAL A 24 -21.44 -6.22 -28.43
CA VAL A 24 -22.16 -7.33 -27.83
C VAL A 24 -23.29 -7.76 -28.76
N ASN A 25 -23.79 -8.97 -28.55
CA ASN A 25 -24.97 -9.40 -29.27
C ASN A 25 -26.00 -9.98 -28.32
N ASP A 26 -27.03 -10.63 -28.86
CA ASP A 26 -28.18 -11.01 -28.06
C ASP A 26 -27.95 -12.21 -27.16
N LYS A 27 -26.89 -13.00 -27.36
CA LYS A 27 -26.68 -14.12 -26.46
C LYS A 27 -25.90 -13.73 -25.21
N LEU A 28 -25.65 -12.44 -24.99
CA LEU A 28 -24.94 -12.00 -23.81
C LEU A 28 -25.83 -12.12 -22.57
N GLU A 29 -25.30 -12.76 -21.52
CA GLU A 29 -25.94 -12.72 -20.23
C GLU A 29 -24.86 -12.67 -19.16
N ARG A 30 -25.25 -12.23 -17.96
CA ARG A 30 -24.25 -12.10 -16.90
C ARG A 30 -23.67 -13.47 -16.57
N TYR A 31 -22.42 -13.45 -16.11
CA TYR A 31 -21.55 -14.61 -16.01
C TYR A 31 -21.42 -15.00 -14.54
N ALA A 32 -21.68 -16.27 -14.22
CA ALA A 32 -21.51 -16.73 -12.84
C ALA A 32 -20.03 -16.92 -12.52
N GLU A 33 -19.56 -16.27 -11.44
CA GLU A 33 -18.13 -16.23 -11.12
C GLU A 33 -17.54 -17.62 -10.96
N VAL A 34 -18.35 -18.59 -10.51
CA VAL A 34 -17.85 -19.94 -10.31
C VAL A 34 -17.28 -20.53 -11.60
N ARG A 35 -17.64 -19.96 -12.76
CA ARG A 35 -17.17 -20.45 -14.05
C ARG A 35 -15.71 -20.14 -14.34
N THR A 36 -15.06 -19.23 -13.59
CA THR A 36 -13.65 -18.95 -13.86
C THR A 36 -12.81 -20.21 -13.64
N ALA A 37 -11.67 -20.28 -14.32
CA ALA A 37 -10.84 -21.48 -14.22
C ALA A 37 -10.36 -21.74 -12.81
N PHE A 38 -10.15 -20.68 -12.01
CA PHE A 38 -9.71 -20.84 -10.63
C PHE A 38 -10.71 -21.61 -9.79
N THR A 39 -12.01 -21.52 -10.12
CA THR A 39 -13.04 -22.01 -9.24
C THR A 39 -13.87 -23.15 -9.82
N HIS A 40 -13.94 -23.28 -11.14
CA HIS A 40 -14.87 -24.25 -11.70
C HIS A 40 -14.34 -25.68 -11.48
N PRO A 41 -15.23 -26.63 -11.18
CA PRO A 41 -14.75 -28.00 -10.91
C PRO A 41 -13.99 -28.64 -12.06
N THR A 42 -14.27 -28.26 -13.32
CA THR A 42 -13.59 -28.87 -14.46
C THR A 42 -12.12 -28.47 -14.53
N SER A 43 -11.76 -27.33 -13.95
CA SER A 43 -10.42 -26.79 -14.08
C SER A 43 -9.69 -26.66 -12.76
N PHE A 44 -10.43 -26.72 -11.64
CA PHE A 44 -9.87 -26.48 -10.31
C PHE A 44 -8.80 -27.51 -9.96
N PHE A 45 -8.96 -28.74 -10.41
CA PHE A 45 -8.04 -29.81 -10.07
C PHE A 45 -6.99 -29.97 -11.16
N LYS A 46 -5.73 -30.08 -10.73
CA LYS A 46 -4.59 -30.27 -11.63
C LYS A 46 -3.62 -31.25 -10.99
N PRO A 47 -2.93 -32.06 -11.80
CA PRO A 47 -1.92 -32.95 -11.24
C PRO A 47 -0.69 -32.18 -10.81
N ASN A 48 -0.01 -32.69 -9.79
CA ASN A 48 1.30 -32.17 -9.44
C ASN A 48 2.38 -32.95 -10.22
N TYR A 49 3.65 -32.70 -9.92
CA TYR A 49 4.70 -33.33 -10.70
C TYR A 49 4.81 -34.83 -10.45
N LYS A 50 4.17 -35.35 -9.41
CA LYS A 50 4.11 -36.79 -9.16
C LYS A 50 2.85 -37.42 -9.73
N GLY A 51 2.03 -36.66 -10.47
CA GLY A 51 0.79 -37.17 -11.00
C GLY A 51 -0.38 -37.19 -10.05
N GLU A 52 -0.22 -36.64 -8.84
CA GLU A 52 -1.33 -36.60 -7.89
C GLU A 52 -2.26 -35.43 -8.22
N VAL A 53 -3.57 -35.69 -8.24
CA VAL A 53 -4.56 -34.69 -8.63
C VAL A 53 -5.00 -33.92 -7.39
N LYS A 54 -4.84 -32.60 -7.43
CA LYS A 54 -5.06 -31.76 -6.27
C LYS A 54 -5.70 -30.45 -6.68
N PRO A 55 -6.26 -29.68 -5.75
CA PRO A 55 -6.51 -28.26 -6.06
C PRO A 55 -5.27 -27.66 -6.68
N TRP A 56 -5.47 -26.90 -7.76
CA TRP A 56 -4.35 -26.44 -8.58
C TRP A 56 -3.28 -25.75 -7.75
N PHE A 57 -3.67 -24.94 -6.76
CA PHE A 57 -2.64 -24.17 -6.04
C PHE A 57 -1.83 -25.08 -5.12
N LEU A 58 -2.41 -26.19 -4.64
CA LEU A 58 -1.60 -27.14 -3.87
C LEU A 58 -0.60 -27.87 -4.75
N SER A 59 -1.01 -28.22 -5.98
CA SER A 59 -0.05 -28.80 -6.93
C SER A 59 1.06 -27.81 -7.26
N ALA A 60 0.72 -26.52 -7.36
CA ALA A 60 1.74 -25.51 -7.62
C ALA A 60 2.68 -25.38 -6.42
N TYR A 61 2.15 -25.43 -5.21
CA TYR A 61 2.98 -25.44 -4.00
C TYR A 61 4.02 -26.55 -4.06
N ASP A 62 3.58 -27.77 -4.46
CA ASP A 62 4.51 -28.89 -4.56
C ASP A 62 5.67 -28.55 -5.47
N GLU A 63 5.38 -27.85 -6.58
CA GLU A 63 6.43 -27.48 -7.53
C GLU A 63 7.33 -26.38 -6.96
N LYS A 64 6.78 -25.42 -6.21
CA LYS A 64 7.62 -24.42 -5.56
C LYS A 64 8.63 -25.08 -4.62
N VAL A 65 8.14 -25.99 -3.78
CA VAL A 65 8.99 -26.71 -2.84
C VAL A 65 10.08 -27.47 -3.58
N ARG A 66 9.69 -28.17 -4.65
CA ARG A 66 10.67 -28.93 -5.43
C ARG A 66 11.74 -28.02 -6.02
N GLN A 67 11.34 -26.84 -6.52
CA GLN A 67 12.31 -25.93 -7.12
C GLN A 67 13.29 -25.41 -6.07
N ILE A 68 12.78 -25.06 -4.88
CA ILE A 68 13.67 -24.54 -3.84
C ILE A 68 14.70 -25.60 -3.50
N GLU A 69 14.25 -26.83 -3.28
CA GLU A 69 15.15 -27.92 -2.92
C GLU A 69 16.20 -28.14 -4.00
N ASN A 70 15.86 -27.86 -5.25
CA ASN A 70 16.76 -28.08 -6.38
C ASN A 70 17.47 -26.82 -6.83
N GLY A 71 17.33 -25.72 -6.09
CA GLY A 71 18.01 -24.48 -6.44
C GLY A 71 17.54 -23.88 -7.75
N GLU A 72 16.24 -23.87 -7.99
CA GLU A 72 15.67 -23.31 -9.20
C GLU A 72 14.74 -22.15 -8.87
N ASN A 73 14.69 -21.18 -9.78
CA ASN A 73 13.78 -20.04 -9.69
C ASN A 73 12.54 -20.22 -10.54
N GLY A 74 12.45 -21.32 -11.29
CA GLY A 74 11.36 -21.57 -12.18
C GLY A 74 11.58 -22.90 -12.87
N PRO A 75 10.68 -23.29 -13.79
CA PRO A 75 10.81 -24.60 -14.43
C PRO A 75 12.08 -24.68 -15.28
N LYS A 76 12.95 -25.62 -14.92
CA LYS A 76 14.25 -25.82 -15.57
C LYS A 76 15.16 -24.59 -15.48
N MET A 77 14.80 -23.58 -14.68
CA MET A 77 15.61 -22.36 -14.56
C MET A 77 16.41 -22.44 -13.27
N LYS A 78 17.71 -22.75 -13.39
CA LYS A 78 18.56 -22.86 -12.23
C LYS A 78 18.77 -21.49 -11.58
N ALA A 79 18.70 -21.45 -10.26
CA ALA A 79 19.06 -20.27 -9.50
C ALA A 79 20.57 -20.20 -9.27
N LYS A 80 21.03 -19.05 -8.77
CA LYS A 80 22.43 -18.97 -8.34
C LYS A 80 22.75 -20.02 -7.29
N ASN A 81 21.81 -20.26 -6.37
CA ASN A 81 21.97 -21.25 -5.31
C ASN A 81 20.60 -21.40 -4.64
N VAL A 82 20.54 -22.30 -3.65
CA VAL A 82 19.26 -22.57 -3.00
C VAL A 82 18.76 -21.34 -2.24
N GLY A 83 19.67 -20.56 -1.65
CA GLY A 83 19.26 -19.37 -0.92
C GLY A 83 18.56 -18.37 -1.81
N GLU A 84 19.04 -18.22 -3.05
CA GLU A 84 18.35 -17.33 -3.98
C GLU A 84 16.98 -17.88 -4.36
N ALA A 85 16.88 -19.20 -4.62
CA ALA A 85 15.57 -19.79 -4.89
C ALA A 85 14.63 -19.56 -3.72
N ARG A 86 15.10 -19.82 -2.49
N ARG A 86 15.09 -19.76 -2.49
CA ARG A 86 14.28 -19.56 -1.29
CA ARG A 86 14.21 -19.58 -1.34
C ARG A 86 13.83 -18.11 -1.24
C ARG A 86 13.85 -18.11 -1.13
N ALA A 87 14.74 -17.18 -1.51
CA ALA A 87 14.41 -15.76 -1.35
C ALA A 87 13.32 -15.32 -2.32
N GLY A 88 13.34 -15.82 -3.56
CA GLY A 88 12.29 -15.45 -4.49
C GLY A 88 10.91 -15.92 -4.02
N ARG A 89 10.84 -17.12 -3.46
CA ARG A 89 9.53 -17.59 -2.99
C ARG A 89 9.12 -16.92 -1.68
N ALA A 90 10.08 -16.54 -0.83
CA ALA A 90 9.73 -15.77 0.37
C ALA A 90 9.16 -14.41 -0.01
N LEU A 91 9.72 -13.76 -1.02
CA LEU A 91 9.20 -12.49 -1.49
C LEU A 91 7.80 -12.65 -2.07
N GLU A 92 7.59 -13.67 -2.91
CA GLU A 92 6.27 -13.93 -3.47
C GLU A 92 5.23 -14.16 -2.37
N ALA A 93 5.53 -15.06 -1.43
CA ALA A 93 4.58 -15.36 -0.37
C ALA A 93 4.25 -14.11 0.45
N ALA A 94 5.27 -13.32 0.81
CA ALA A 94 5.03 -12.12 1.61
C ALA A 94 4.15 -11.11 0.87
N GLY A 95 4.28 -11.03 -0.46
CA GLY A 95 3.53 -10.02 -1.21
C GLY A 95 2.03 -10.13 -1.00
N TRP A 96 1.53 -11.35 -0.80
CA TRP A 96 0.11 -11.64 -0.63
C TRP A 96 -0.44 -11.30 0.75
N THR A 97 0.31 -10.60 1.60
CA THR A 97 -0.06 -10.48 3.02
C THR A 97 -1.46 -9.89 3.20
N LEU A 98 -1.85 -8.91 2.37
CA LEU A 98 -3.16 -8.28 2.54
C LEU A 98 -4.17 -8.77 1.51
N ASP A 99 -4.13 -10.05 1.16
CA ASP A 99 -5.04 -10.61 0.17
C ASP A 99 -5.53 -11.97 0.69
N ILE A 100 -6.83 -12.24 0.54
CA ILE A 100 -7.45 -13.48 1.04
C ILE A 100 -7.60 -14.46 -0.13
N ASN A 101 -6.99 -15.64 0.01
CA ASN A 101 -7.24 -16.77 -0.87
C ASN A 101 -7.10 -16.40 -2.36
N TYR A 102 -6.05 -15.64 -2.67
CA TYR A 102 -5.65 -15.31 -4.04
C TYR A 102 -6.76 -14.55 -4.77
N GLY A 103 -7.03 -13.34 -4.29
CA GLY A 103 -7.82 -12.39 -5.06
C GLY A 103 -8.86 -11.57 -4.33
N ASN A 104 -9.10 -11.86 -3.06
CA ASN A 104 -10.11 -11.14 -2.28
C ASN A 104 -11.49 -11.22 -2.95
N ILE A 105 -11.85 -12.40 -3.48
CA ILE A 105 -13.07 -12.41 -4.29
C ILE A 105 -14.36 -12.49 -3.46
N TYR A 106 -14.33 -12.97 -2.22
CA TYR A 106 -15.59 -13.08 -1.46
C TYR A 106 -16.12 -11.69 -1.13
N PRO A 107 -17.29 -11.31 -1.64
CA PRO A 107 -17.81 -9.97 -1.33
C PRO A 107 -18.28 -9.89 0.11
N ASN A 108 -18.03 -8.73 0.73
CA ASN A 108 -18.50 -8.44 2.08
C ASN A 108 -17.94 -9.41 3.10
N ARG A 109 -16.72 -9.89 2.88
CA ARG A 109 -15.98 -10.69 3.86
C ARG A 109 -14.59 -10.10 4.01
N PHE A 110 -14.04 -10.25 5.21
CA PHE A 110 -12.63 -9.91 5.49
C PHE A 110 -12.33 -8.46 5.13
N PHE A 111 -11.51 -8.23 4.09
CA PHE A 111 -11.17 -6.86 3.72
C PHE A 111 -12.23 -6.19 2.86
N MET A 112 -13.08 -6.96 2.19
CA MET A 112 -14.01 -6.42 1.21
C MET A 112 -15.38 -6.10 1.81
N LEU A 113 -15.43 -5.42 2.95
CA LEU A 113 -16.73 -5.13 3.55
C LEU A 113 -17.50 -4.11 2.73
N TRP A 114 -18.81 -4.34 2.59
CA TRP A 114 -19.66 -3.45 1.80
C TRP A 114 -20.12 -2.25 2.60
N SER A 115 -19.96 -2.28 3.91
CA SER A 115 -20.20 -1.16 4.79
C SER A 115 -18.97 -0.91 5.64
N GLY A 116 -18.67 0.36 5.90
CA GLY A 116 -17.57 0.62 6.81
C GLY A 116 -17.91 0.54 8.29
N GLU A 117 -19.16 0.25 8.66
CA GLU A 117 -19.59 0.48 10.05
C GLU A 117 -18.76 -0.30 11.07
N THR A 118 -18.35 -1.53 10.75
CA THR A 118 -17.64 -2.33 11.74
C THR A 118 -16.12 -2.12 11.72
N MET A 119 -15.58 -1.38 10.76
CA MET A 119 -14.13 -1.24 10.66
C MET A 119 -13.58 -0.46 11.85
N THR A 120 -12.37 -0.84 12.27
CA THR A 120 -11.74 -0.15 13.40
C THR A 120 -11.54 1.34 13.12
N ASN A 121 -11.23 1.70 11.88
CA ASN A 121 -11.05 3.11 11.53
C ASN A 121 -12.36 3.88 11.66
N THR A 122 -13.45 3.32 11.13
CA THR A 122 -14.77 3.94 11.25
C THR A 122 -15.16 4.15 12.71
N GLN A 123 -14.99 3.12 13.53
CA GLN A 123 -15.30 3.24 14.95
C GLN A 123 -14.48 4.35 15.62
N LEU A 124 -13.18 4.43 15.31
CA LEU A 124 -12.34 5.45 15.94
C LEU A 124 -12.81 6.85 15.59
N TRP A 125 -13.26 7.04 14.34
CA TRP A 125 -13.68 8.34 13.81
C TRP A 125 -15.16 8.62 14.02
N ALA A 126 -15.92 7.67 14.55
CA ALA A 126 -17.37 7.85 14.68
C ALA A 126 -17.80 9.19 15.28
N PRO A 127 -17.13 9.75 16.30
CA PRO A 127 -17.62 11.04 16.85
C PRO A 127 -17.71 12.17 15.85
N VAL A 128 -16.90 12.15 14.78
CA VAL A 128 -16.98 13.23 13.79
C VAL A 128 -18.21 13.10 12.91
N GLY A 129 -18.76 11.89 12.78
CA GLY A 129 -19.96 11.69 11.99
C GLY A 129 -19.81 11.79 10.49
N LEU A 130 -18.58 11.66 9.95
CA LEU A 130 -18.40 11.87 8.52
C LEU A 130 -19.20 10.88 7.69
N ASP A 131 -19.36 9.65 8.18
CA ASP A 131 -20.12 8.65 7.44
C ASP A 131 -21.62 8.75 7.65
N ARG A 132 -22.08 9.59 8.57
CA ARG A 132 -23.50 9.76 8.81
C ARG A 132 -24.05 11.10 8.34
N ARG A 133 -23.19 12.08 8.09
CA ARG A 133 -23.57 13.43 7.65
C ARG A 133 -23.88 13.41 6.15
N PRO A 134 -24.97 14.02 5.71
CA PRO A 134 -25.28 14.03 4.27
C PRO A 134 -24.15 14.68 3.48
N PRO A 135 -24.01 14.34 2.20
CA PRO A 135 -22.92 14.92 1.39
C PRO A 135 -22.97 16.44 1.39
N ASP A 136 -21.80 17.06 1.53
CA ASP A 136 -21.68 18.50 1.35
C ASP A 136 -21.37 18.88 -0.10
N THR A 137 -21.01 17.91 -0.93
CA THR A 137 -20.78 18.13 -2.35
C THR A 137 -21.59 17.12 -3.14
N THR A 138 -22.41 17.60 -4.07
CA THR A 138 -23.12 16.74 -5.02
C THR A 138 -22.74 17.02 -6.47
N ASP A 139 -21.92 18.04 -6.72
CA ASP A 139 -21.49 18.36 -8.07
C ASP A 139 -20.56 17.27 -8.61
N PRO A 140 -20.93 16.55 -9.67
CA PRO A 140 -20.06 15.47 -10.17
C PRO A 140 -18.68 15.94 -10.59
N VAL A 141 -18.54 17.18 -11.06
CA VAL A 141 -17.25 17.68 -11.50
C VAL A 141 -16.27 17.77 -10.33
N GLU A 142 -16.70 18.44 -9.25
CA GLU A 142 -15.83 18.53 -8.08
C GLU A 142 -15.61 17.16 -7.45
N LEU A 143 -16.64 16.31 -7.42
CA LEU A 143 -16.49 14.99 -6.82
C LEU A 143 -15.48 14.16 -7.59
N THR A 144 -15.47 14.30 -8.91
CA THR A 144 -14.52 13.53 -9.72
C THR A 144 -13.10 13.96 -9.41
N ASN A 145 -12.87 15.27 -9.26
CA ASN A 145 -11.53 15.73 -8.92
C ASN A 145 -11.12 15.24 -7.54
N TYR A 146 -12.02 15.35 -6.56
CA TYR A 146 -11.71 14.89 -5.19
C TYR A 146 -11.41 13.39 -5.16
N VAL A 147 -12.25 12.58 -5.81
CA VAL A 147 -12.09 11.14 -5.68
C VAL A 147 -10.88 10.64 -6.46
N LYS A 148 -10.54 11.30 -7.58
CA LYS A 148 -9.34 10.89 -8.30
C LYS A 148 -8.07 11.30 -7.54
N PHE A 149 -8.07 12.47 -6.91
CA PHE A 149 -6.95 12.85 -6.04
C PHE A 149 -6.79 11.82 -4.94
N ALA A 150 -7.89 11.44 -4.29
CA ALA A 150 -7.82 10.43 -3.24
C ALA A 150 -7.33 9.10 -3.78
N ALA A 151 -7.76 8.73 -4.99
CA ALA A 151 -7.31 7.48 -5.60
C ALA A 151 -5.80 7.45 -5.76
N ARG A 152 -5.21 8.58 -6.16
CA ARG A 152 -3.77 8.58 -6.33
C ARG A 152 -3.06 8.47 -4.99
N MET A 153 -3.56 9.17 -3.96
CA MET A 153 -3.03 8.97 -2.61
C MET A 153 -3.13 7.51 -2.19
N ALA A 154 -4.20 6.83 -2.60
CA ALA A 154 -4.44 5.45 -2.19
C ALA A 154 -3.68 4.43 -3.03
N GLY A 155 -2.78 4.85 -3.92
CA GLY A 155 -1.86 3.94 -4.58
C GLY A 155 -2.19 3.60 -6.02
N ALA A 156 -3.23 4.21 -6.60
CA ALA A 156 -3.51 3.99 -8.02
C ALA A 156 -2.49 4.73 -8.86
N ASP A 157 -1.95 4.04 -9.85
CA ASP A 157 -1.13 4.69 -10.88
C ASP A 157 -1.97 5.21 -12.03
N LEU A 158 -3.10 4.56 -12.30
CA LEU A 158 -4.12 5.02 -13.23
C LEU A 158 -5.46 5.01 -12.50
N VAL A 159 -6.34 5.96 -12.84
CA VAL A 159 -7.70 5.92 -12.31
C VAL A 159 -8.65 6.42 -13.39
N GLY A 160 -9.80 5.76 -13.51
CA GLY A 160 -10.82 6.23 -14.44
C GLY A 160 -12.20 5.93 -13.89
N VAL A 161 -13.20 6.59 -14.49
CA VAL A 161 -14.60 6.48 -14.07
C VAL A 161 -15.45 6.03 -15.27
N ALA A 162 -16.38 5.11 -15.02
CA ALA A 162 -17.38 4.75 -16.01
C ALA A 162 -18.74 4.61 -15.34
N ARG A 163 -19.80 4.77 -16.12
CA ARG A 163 -21.10 4.28 -15.67
C ARG A 163 -20.99 2.76 -15.50
N LEU A 164 -21.68 2.24 -14.49
CA LEU A 164 -21.66 0.81 -14.22
C LEU A 164 -22.47 0.06 -15.28
N ASN A 165 -21.83 -0.82 -16.02
CA ASN A 165 -22.50 -1.69 -16.98
C ASN A 165 -22.72 -3.02 -16.27
N ARG A 166 -23.98 -3.34 -15.98
CA ARG A 166 -24.29 -4.54 -15.22
C ARG A 166 -23.96 -5.83 -15.96
N ASN A 167 -23.76 -5.77 -17.28
CA ASN A 167 -23.37 -6.98 -18.02
C ASN A 167 -22.08 -7.58 -17.48
N TRP A 168 -21.21 -6.78 -16.88
CA TRP A 168 -19.92 -7.28 -16.42
C TRP A 168 -19.92 -7.62 -14.94
N VAL A 169 -21.03 -7.37 -14.22
CA VAL A 169 -21.16 -7.80 -12.84
C VAL A 169 -21.56 -9.27 -12.82
N TYR A 170 -20.87 -10.07 -12.00
CA TYR A 170 -21.14 -11.50 -11.96
C TYR A 170 -22.60 -11.75 -11.58
N SER A 171 -23.22 -12.74 -12.23
CA SER A 171 -24.60 -13.07 -11.87
C SER A 171 -24.67 -13.64 -10.46
N GLU A 172 -23.71 -14.48 -10.10
CA GLU A 172 -23.56 -15.01 -8.75
C GLU A 172 -22.09 -14.94 -8.38
N ALA A 173 -21.82 -14.56 -7.13
CA ALA A 173 -20.47 -14.50 -6.62
C ALA A 173 -20.08 -15.83 -5.97
N VAL A 174 -18.79 -16.10 -5.94
CA VAL A 174 -18.23 -17.12 -5.06
C VAL A 174 -17.96 -16.46 -3.71
N THR A 175 -18.46 -17.07 -2.63
CA THR A 175 -18.25 -16.48 -1.31
C THR A 175 -18.26 -17.60 -0.28
N ILE A 176 -18.32 -17.23 0.99
CA ILE A 176 -18.46 -18.20 2.08
C ILE A 176 -19.58 -17.73 3.00
N PRO A 177 -20.23 -18.63 3.73
CA PRO A 177 -21.22 -18.19 4.72
C PRO A 177 -20.58 -17.27 5.76
N ALA A 178 -21.38 -16.38 6.31
CA ALA A 178 -20.88 -15.35 7.22
C ALA A 178 -20.34 -15.94 8.53
N ASP A 179 -20.79 -17.14 8.92
CA ASP A 179 -20.32 -17.73 10.17
C ASP A 179 -19.11 -18.64 10.01
N VAL A 180 -18.51 -18.70 8.83
CA VAL A 180 -17.41 -19.62 8.55
C VAL A 180 -16.09 -18.89 8.83
N PRO A 181 -15.25 -19.41 9.74
CA PRO A 181 -13.96 -18.76 10.00
C PRO A 181 -12.99 -19.03 8.86
N TYR A 182 -11.90 -18.24 8.86
CA TYR A 182 -10.98 -18.28 7.72
C TYR A 182 -10.43 -19.68 7.47
N GLU A 183 -10.06 -20.42 8.53
CA GLU A 183 -9.37 -21.68 8.31
C GLU A 183 -10.24 -22.71 7.60
N GLN A 184 -11.56 -22.56 7.62
CA GLN A 184 -12.45 -23.45 6.85
C GLN A 184 -12.88 -22.86 5.51
N SER A 185 -12.45 -21.64 5.17
CA SER A 185 -13.03 -20.92 4.03
C SER A 185 -12.90 -21.69 2.73
N LEU A 186 -11.73 -22.29 2.48
CA LEU A 186 -11.51 -22.93 1.19
C LEU A 186 -12.36 -24.19 1.02
N HIS A 187 -12.87 -24.76 2.11
CA HIS A 187 -13.71 -25.95 2.03
C HIS A 187 -15.20 -25.65 2.06
N LYS A 188 -15.58 -24.41 2.32
CA LYS A 188 -16.99 -24.05 2.50
C LYS A 188 -17.47 -22.99 1.51
N GLU A 189 -16.81 -22.86 0.36
CA GLU A 189 -17.22 -21.85 -0.60
C GLU A 189 -18.57 -22.19 -1.19
N ILE A 190 -19.38 -21.15 -1.41
CA ILE A 190 -20.74 -21.26 -1.94
C ILE A 190 -20.91 -20.23 -3.06
N GLU A 191 -22.02 -20.33 -3.77
CA GLU A 191 -22.42 -19.29 -4.71
C GLU A 191 -23.54 -18.46 -4.08
N LYS A 192 -23.58 -17.18 -4.44
CA LYS A 192 -24.63 -16.29 -3.94
C LYS A 192 -24.97 -15.25 -4.99
N PRO A 193 -26.24 -15.09 -5.34
CA PRO A 193 -26.60 -14.14 -6.40
C PRO A 193 -26.25 -12.70 -6.02
N ILE A 194 -25.86 -11.94 -7.04
CA ILE A 194 -25.71 -10.49 -6.94
C ILE A 194 -26.89 -9.85 -7.66
N VAL A 195 -27.73 -9.13 -6.91
CA VAL A 195 -28.95 -8.57 -7.47
C VAL A 195 -28.98 -7.07 -7.24
N PHE A 196 -29.78 -6.39 -8.05
CA PHE A 196 -29.97 -4.95 -7.98
C PHE A 196 -31.42 -4.66 -7.55
N LYS A 197 -31.58 -3.89 -6.48
CA LYS A 197 -32.90 -3.64 -5.93
C LYS A 197 -33.00 -2.20 -5.44
N ASP A 198 -34.25 -1.78 -5.20
CA ASP A 198 -34.53 -0.42 -4.71
C ASP A 198 -34.37 -0.42 -3.19
N VAL A 199 -33.11 -0.33 -2.76
CA VAL A 199 -32.76 -0.23 -1.35
C VAL A 199 -31.80 0.95 -1.21
N PRO A 200 -31.70 1.55 0.00
CA PRO A 200 -30.84 2.73 0.14
C PRO A 200 -29.35 2.42 0.16
N LEU A 201 -28.95 1.26 0.67
CA LEU A 201 -27.55 0.96 0.90
C LEU A 201 -27.22 -0.45 0.47
N PRO A 202 -25.99 -0.73 0.05
CA PRO A 202 -25.59 -2.12 -0.20
C PRO A 202 -25.83 -2.96 1.03
N ILE A 203 -26.41 -4.14 0.84
CA ILE A 203 -26.78 -4.98 1.98
C ILE A 203 -26.73 -6.44 1.53
N GLU A 204 -26.34 -7.31 2.44
CA GLU A 204 -26.31 -8.74 2.18
C GLU A 204 -27.32 -9.42 3.07
N THR A 205 -28.20 -10.23 2.47
CA THR A 205 -29.11 -11.08 3.23
C THR A 205 -28.59 -12.50 3.22
N ASP A 206 -29.35 -13.40 3.86
CA ASP A 206 -28.99 -14.81 3.81
C ASP A 206 -28.97 -15.33 2.38
N ASP A 207 -29.81 -14.78 1.51
CA ASP A 207 -29.98 -15.32 0.17
C ASP A 207 -29.26 -14.54 -0.92
N GLU A 208 -29.02 -13.23 -0.73
CA GLU A 208 -28.62 -12.37 -1.82
C GLU A 208 -27.62 -11.30 -1.38
N LEU A 209 -26.69 -10.97 -2.28
CA LEU A 209 -25.91 -9.74 -2.19
C LEU A 209 -26.66 -8.68 -2.99
N ILE A 210 -27.05 -7.59 -2.33
CA ILE A 210 -27.96 -6.61 -2.94
C ILE A 210 -27.21 -5.31 -3.16
N ILE A 211 -27.07 -4.93 -4.43
CA ILE A 211 -26.50 -3.64 -4.82
C ILE A 211 -27.66 -2.69 -5.09
N PRO A 212 -27.65 -1.47 -4.56
CA PRO A 212 -28.78 -0.55 -4.82
C PRO A 212 -28.85 -0.15 -6.28
N ASN A 213 -30.08 0.07 -6.75
CA ASN A 213 -30.29 0.60 -8.09
C ASN A 213 -29.64 1.97 -8.27
N THR A 214 -29.38 2.69 -7.19
CA THR A 214 -28.68 3.97 -7.25
C THR A 214 -27.18 3.83 -7.48
N CYS A 215 -26.64 2.63 -7.56
CA CYS A 215 -25.20 2.44 -7.72
C CYS A 215 -24.81 2.71 -9.16
N GLU A 216 -24.57 3.98 -9.48
CA GLU A 216 -24.48 4.45 -10.86
C GLU A 216 -23.11 4.21 -11.49
N ASN A 217 -22.04 4.26 -10.69
CA ASN A 217 -20.71 4.45 -11.24
C ASN A 217 -19.74 3.39 -10.73
N VAL A 218 -18.68 3.18 -11.51
CA VAL A 218 -17.56 2.34 -11.11
C VAL A 218 -16.28 3.15 -11.31
N ILE A 219 -15.40 3.11 -10.31
CA ILE A 219 -14.10 3.75 -10.36
C ILE A 219 -13.07 2.64 -10.52
N VAL A 220 -12.27 2.71 -11.58
CA VAL A 220 -11.32 1.65 -11.90
C VAL A 220 -9.91 2.17 -11.66
N ALA A 221 -9.11 1.38 -10.95
CA ALA A 221 -7.72 1.74 -10.67
C ALA A 221 -6.77 0.79 -11.39
N GLY A 222 -5.68 1.33 -11.92
CA GLY A 222 -4.56 0.55 -12.39
C GLY A 222 -3.42 0.64 -11.41
N ILE A 223 -2.85 -0.52 -11.06
CA ILE A 223 -1.79 -0.67 -10.07
C ILE A 223 -0.57 -1.26 -10.81
N ALA A 224 0.45 -0.43 -11.08
CA ALA A 224 1.51 -0.83 -12.00
C ALA A 224 2.42 -1.90 -11.38
N MET A 225 2.69 -2.96 -12.14
CA MET A 225 3.67 -3.96 -11.74
C MET A 225 5.08 -3.55 -12.18
N ASN A 226 6.08 -4.28 -11.71
CA ASN A 226 7.46 -3.92 -11.98
C ASN A 226 7.94 -4.60 -13.26
N ARG A 227 8.51 -3.82 -14.17
CA ARG A 227 8.91 -4.34 -15.49
C ARG A 227 10.01 -5.40 -15.38
N GLU A 228 11.07 -5.12 -14.62
CA GLU A 228 12.19 -6.05 -14.54
C GLU A 228 11.76 -7.39 -13.93
N MET A 229 10.89 -7.35 -12.93
CA MET A 229 10.43 -8.60 -12.32
C MET A 229 9.45 -9.35 -13.23
N MET A 230 8.57 -8.64 -13.93
CA MET A 230 7.64 -9.37 -14.80
C MET A 230 8.37 -10.00 -15.97
N GLN A 231 9.46 -9.40 -16.43
N GLN A 231 9.47 -9.41 -16.42
CA GLN A 231 10.23 -9.97 -17.53
CA GLN A 231 10.24 -9.96 -17.52
C GLN A 231 10.89 -11.29 -17.17
C GLN A 231 10.94 -11.26 -17.16
N THR A 232 10.92 -11.67 -15.89
CA THR A 232 11.40 -13.00 -15.51
C THR A 232 10.32 -14.06 -15.62
N ALA A 233 9.12 -13.72 -16.06
CA ALA A 233 8.06 -14.71 -16.22
C ALA A 233 8.57 -15.86 -17.09
N PRO A 234 8.21 -17.11 -16.75
CA PRO A 234 7.28 -17.57 -15.70
C PRO A 234 7.95 -17.85 -14.34
N ASN A 235 9.09 -17.23 -14.07
CA ASN A 235 9.85 -17.58 -12.88
C ASN A 235 9.39 -16.76 -11.67
N SER A 236 10.05 -16.98 -10.52
CA SER A 236 9.48 -16.56 -9.23
C SER A 236 9.37 -15.04 -9.09
N MET A 237 10.28 -14.27 -9.69
CA MET A 237 10.22 -12.83 -9.42
C MET A 237 9.02 -12.19 -10.09
N ALA A 238 8.53 -12.77 -11.20
CA ALA A 238 7.25 -12.34 -11.77
C ALA A 238 6.10 -12.63 -10.81
N CYS A 239 6.17 -13.76 -10.09
CA CYS A 239 5.17 -14.04 -9.07
C CYS A 239 5.18 -13.00 -7.96
N ALA A 240 6.36 -12.46 -7.62
CA ALA A 240 6.44 -11.52 -6.51
C ALA A 240 5.83 -10.17 -6.87
N THR A 241 6.08 -9.64 -8.08
CA THR A 241 5.45 -8.35 -8.39
C THR A 241 3.93 -8.51 -8.50
N THR A 242 3.45 -9.63 -9.06
CA THR A 242 2.02 -9.94 -9.04
C THR A 242 1.48 -9.86 -7.61
N ALA A 243 2.11 -10.61 -6.70
CA ALA A 243 1.63 -10.73 -5.33
C ALA A 243 1.58 -9.39 -4.61
N PHE A 244 2.70 -8.63 -4.64
CA PHE A 244 2.70 -7.34 -3.96
C PHE A 244 1.59 -6.43 -4.47
N CYS A 245 1.29 -6.49 -5.77
CA CYS A 245 0.27 -5.60 -6.31
C CYS A 245 -1.13 -6.00 -5.86
N TYR A 246 -1.36 -7.29 -5.56
CA TYR A 246 -2.65 -7.67 -4.99
C TYR A 246 -2.84 -7.04 -3.61
N SER A 247 -1.78 -6.98 -2.81
CA SER A 247 -1.94 -6.28 -1.53
C SER A 247 -2.10 -4.78 -1.73
N ARG A 248 -1.46 -4.21 -2.76
CA ARG A 248 -1.69 -2.80 -3.07
C ARG A 248 -3.14 -2.56 -3.50
N MET A 249 -3.70 -3.50 -4.27
CA MET A 249 -5.11 -3.40 -4.66
C MET A 249 -6.02 -3.35 -3.45
N CYS A 250 -5.77 -4.24 -2.48
CA CYS A 250 -6.63 -4.31 -1.31
C CYS A 250 -6.60 -2.99 -0.54
N MET A 251 -5.40 -2.44 -0.34
N MET A 251 -5.39 -2.46 -0.32
CA MET A 251 -5.33 -1.19 0.41
CA MET A 251 -5.23 -1.17 0.36
C MET A 251 -5.96 -0.03 -0.36
C MET A 251 -6.00 -0.09 -0.37
N PHE A 252 -5.86 -0.04 -1.71
CA PHE A 252 -6.56 0.94 -2.51
C PHE A 252 -8.07 0.91 -2.25
N ASP A 253 -8.67 -0.29 -2.40
CA ASP A 253 -10.11 -0.43 -2.23
C ASP A 253 -10.56 0.09 -0.87
N MET A 254 -9.87 -0.32 0.20
CA MET A 254 -10.29 0.07 1.54
C MET A 254 -10.12 1.57 1.75
N TRP A 255 -8.95 2.11 1.41
CA TRP A 255 -8.74 3.55 1.48
C TRP A 255 -9.81 4.32 0.72
N LEU A 256 -10.06 3.95 -0.54
CA LEU A 256 -10.97 4.74 -1.36
C LEU A 256 -12.41 4.60 -0.87
N CYS A 257 -12.82 3.39 -0.50
CA CYS A 257 -14.18 3.21 0.01
C CYS A 257 -14.41 4.06 1.25
N GLN A 258 -13.42 4.10 2.16
CA GLN A 258 -13.55 4.93 3.36
C GLN A 258 -13.64 6.42 3.00
N PHE A 259 -12.82 6.88 2.04
CA PHE A 259 -12.96 8.28 1.61
C PHE A 259 -14.36 8.56 1.09
N ILE A 260 -14.88 7.67 0.24
CA ILE A 260 -16.20 7.89 -0.35
C ILE A 260 -17.28 7.88 0.73
N ARG A 261 -17.17 6.96 1.69
CA ARG A 261 -18.15 6.90 2.78
C ARG A 261 -18.08 8.15 3.64
N TYR A 262 -16.88 8.64 3.91
CA TYR A 262 -16.71 9.85 4.71
C TYR A 262 -17.11 11.12 3.95
N MET A 263 -17.28 11.03 2.63
CA MET A 263 -17.90 12.09 1.85
C MET A 263 -19.42 12.01 1.84
N GLY A 264 -20.01 10.99 2.46
CA GLY A 264 -21.45 10.88 2.58
C GLY A 264 -22.12 10.00 1.56
N TYR A 265 -21.37 9.16 0.85
CA TYR A 265 -21.90 8.22 -0.13
C TYR A 265 -21.55 6.80 0.33
N TYR A 266 -22.01 5.80 -0.42
CA TYR A 266 -21.62 4.43 -0.10
C TYR A 266 -20.63 3.94 -1.15
N ALA A 267 -19.95 2.85 -0.83
CA ALA A 267 -18.89 2.35 -1.70
C ALA A 267 -18.72 0.86 -1.47
N ILE A 268 -18.58 0.13 -2.57
CA ILE A 268 -18.42 -1.32 -2.56
C ILE A 268 -17.03 -1.65 -3.10
N PRO A 269 -16.15 -2.26 -2.31
CA PRO A 269 -14.84 -2.68 -2.82
C PRO A 269 -15.00 -3.99 -3.60
N SER A 270 -13.92 -4.41 -4.27
CA SER A 270 -14.06 -5.70 -4.97
C SER A 270 -12.77 -6.47 -5.25
N CYS A 271 -11.64 -5.79 -5.50
CA CYS A 271 -10.43 -6.47 -5.97
C CYS A 271 -10.77 -7.43 -7.11
N ASN A 272 -10.54 -8.74 -6.98
CA ASN A 272 -10.85 -9.64 -8.10
C ASN A 272 -12.29 -10.15 -8.09
N GLY A 273 -13.11 -9.73 -7.13
CA GLY A 273 -14.49 -10.16 -7.06
C GLY A 273 -15.45 -9.22 -7.78
N VAL A 274 -16.75 -9.56 -7.64
CA VAL A 274 -17.92 -8.75 -7.98
C VAL A 274 -18.15 -8.65 -9.49
N GLY A 275 -17.12 -8.33 -10.28
CA GLY A 275 -17.30 -8.24 -11.71
C GLY A 275 -16.00 -8.30 -12.46
N GLN A 276 -16.09 -8.18 -13.79
CA GLN A 276 -14.95 -8.38 -14.69
C GLN A 276 -14.19 -7.09 -14.88
N SER A 277 -12.99 -7.03 -14.29
CA SER A 277 -12.21 -5.80 -14.24
C SER A 277 -11.78 -5.31 -15.62
N VAL A 278 -11.46 -6.21 -16.55
CA VAL A 278 -10.99 -5.76 -17.86
C VAL A 278 -12.06 -4.96 -18.58
N ALA A 279 -13.32 -5.43 -18.52
CA ALA A 279 -14.41 -4.71 -19.18
C ALA A 279 -14.65 -3.35 -18.54
N PHE A 280 -14.65 -3.28 -17.20
CA PHE A 280 -14.79 -1.98 -16.55
C PHE A 280 -13.65 -1.06 -16.93
N ALA A 281 -12.42 -1.58 -16.96
CA ALA A 281 -11.26 -0.76 -17.30
C ALA A 281 -11.39 -0.20 -18.72
N VAL A 282 -11.86 -1.02 -19.66
CA VAL A 282 -12.03 -0.55 -21.04
C VAL A 282 -13.10 0.55 -21.09
N GLU A 283 -14.21 0.36 -20.38
CA GLU A 283 -15.27 1.36 -20.43
C GLU A 283 -14.87 2.64 -19.69
N ALA A 284 -13.96 2.55 -18.72
CA ALA A 284 -13.49 3.72 -18.00
C ALA A 284 -12.30 4.39 -18.69
N GLY A 285 -11.84 3.85 -19.81
CA GLY A 285 -10.80 4.51 -20.59
C GLY A 285 -9.38 4.28 -20.14
N LEU A 286 -9.12 3.31 -19.26
CA LEU A 286 -7.73 3.01 -18.91
C LEU A 286 -6.96 2.47 -20.10
N GLY A 287 -7.63 1.70 -20.97
CA GLY A 287 -6.95 1.10 -22.10
C GLY A 287 -7.92 0.34 -22.97
N GLN A 288 -7.37 -0.57 -23.77
CA GLN A 288 -8.15 -1.39 -24.71
C GLN A 288 -7.94 -2.87 -24.43
N ALA A 289 -8.97 -3.66 -24.74
CA ALA A 289 -8.80 -5.11 -24.69
C ALA A 289 -7.82 -5.56 -25.77
N SER A 290 -7.28 -6.77 -25.59
CA SER A 290 -6.14 -7.23 -26.37
C SER A 290 -6.30 -8.70 -26.68
N ARG A 291 -5.43 -9.21 -27.57
CA ARG A 291 -5.48 -10.63 -27.90
C ARG A 291 -5.34 -11.50 -26.66
N MET A 292 -4.39 -11.18 -25.77
CA MET A 292 -4.23 -12.04 -24.60
C MET A 292 -5.44 -11.97 -23.69
N GLY A 293 -6.23 -10.89 -23.76
CA GLY A 293 -7.43 -10.73 -22.97
C GLY A 293 -7.33 -9.67 -21.90
N ALA A 294 -6.14 -9.12 -21.67
CA ALA A 294 -5.91 -8.08 -20.67
C ALA A 294 -6.22 -6.71 -21.24
N CYS A 295 -6.42 -5.74 -20.34
CA CYS A 295 -6.48 -4.34 -20.70
C CYS A 295 -5.06 -3.83 -20.92
N ILE A 296 -4.77 -3.38 -22.13
CA ILE A 296 -3.46 -2.78 -22.45
C ILE A 296 -3.56 -1.26 -22.31
N THR A 297 -2.67 -0.68 -21.46
CA THR A 297 -2.67 0.74 -21.22
C THR A 297 -1.53 1.42 -21.97
N PRO A 298 -1.67 2.70 -22.31
CA PRO A 298 -0.55 3.39 -22.96
C PRO A 298 0.69 3.47 -22.07
N GLU A 299 0.53 3.57 -20.76
CA GLU A 299 1.66 3.80 -19.87
C GLU A 299 2.40 2.51 -19.54
N PHE A 300 1.68 1.42 -19.37
CA PHE A 300 2.24 0.18 -18.84
C PHE A 300 2.00 -1.03 -19.71
N GLY A 301 1.34 -0.88 -20.85
CA GLY A 301 0.86 -2.03 -21.58
C GLY A 301 -0.07 -2.83 -20.69
N PRO A 302 0.00 -4.15 -20.80
CA PRO A 302 -0.81 -5.02 -19.91
C PRO A 302 -0.17 -5.26 -18.56
N ASN A 303 1.01 -4.70 -18.30
CA ASN A 303 1.76 -4.98 -17.08
C ASN A 303 1.27 -4.09 -15.94
N VAL A 304 0.01 -4.25 -15.60
CA VAL A 304 -0.66 -3.40 -14.63
C VAL A 304 -1.84 -4.20 -14.08
N ARG A 305 -2.02 -4.20 -12.77
CA ARG A 305 -3.19 -4.84 -12.18
C ARG A 305 -4.35 -3.86 -12.07
N LEU A 306 -5.56 -4.41 -11.97
CA LEU A 306 -6.80 -3.64 -11.92
C LEU A 306 -7.57 -3.96 -10.65
N THR A 307 -8.16 -2.93 -10.05
CA THR A 307 -9.21 -3.16 -9.06
C THR A 307 -10.28 -2.10 -9.31
N LYS A 308 -11.39 -2.20 -8.57
CA LYS A 308 -12.47 -1.25 -8.84
C LYS A 308 -13.37 -1.13 -7.63
N VAL A 309 -14.05 0.02 -7.57
CA VAL A 309 -14.97 0.37 -6.48
C VAL A 309 -16.26 0.89 -7.09
N PHE A 310 -17.40 0.43 -6.57
CA PHE A 310 -18.71 0.81 -7.08
C PHE A 310 -19.36 1.81 -6.13
N THR A 311 -20.04 2.83 -6.68
CA THR A 311 -20.54 3.88 -5.79
C THR A 311 -21.72 4.62 -6.42
N ASN A 312 -22.53 5.23 -5.54
CA ASN A 312 -23.56 6.18 -5.95
C ASN A 312 -23.04 7.62 -6.00
N MET A 313 -21.79 7.87 -5.65
CA MET A 313 -21.24 9.22 -5.72
C MET A 313 -21.39 9.77 -7.14
N PRO A 314 -22.02 10.93 -7.33
CA PRO A 314 -22.08 11.53 -8.68
C PRO A 314 -20.67 11.79 -9.20
N LEU A 315 -20.43 11.34 -10.44
CA LEU A 315 -19.12 11.46 -11.07
C LEU A 315 -19.30 11.74 -12.56
N VAL A 316 -18.24 12.24 -13.19
CA VAL A 316 -18.19 12.45 -14.64
C VAL A 316 -17.48 11.26 -15.27
N PRO A 317 -18.15 10.47 -16.11
CA PRO A 317 -17.47 9.34 -16.74
C PRO A 317 -16.35 9.82 -17.66
N ASP A 318 -15.29 9.03 -17.71
CA ASP A 318 -14.20 9.31 -18.64
C ASP A 318 -14.55 8.77 -20.04
N LYS A 319 -13.83 9.29 -21.05
CA LYS A 319 -14.02 8.79 -22.41
C LYS A 319 -13.19 7.53 -22.64
N PRO A 320 -13.69 6.57 -23.41
CA PRO A 320 -12.85 5.44 -23.82
C PRO A 320 -11.70 5.93 -24.67
N ILE A 321 -10.68 5.08 -24.81
CA ILE A 321 -9.49 5.41 -25.58
C ILE A 321 -9.30 4.37 -26.67
N ASP A 322 -8.85 4.82 -27.85
CA ASP A 322 -8.53 3.90 -28.95
C ASP A 322 -7.16 4.35 -29.47
N PHE A 323 -6.09 3.68 -29.05
CA PHE A 323 -4.76 3.99 -29.57
C PHE A 323 -4.24 2.89 -30.48
N GLY A 324 -5.16 2.16 -31.12
CA GLY A 324 -4.79 1.19 -32.13
C GLY A 324 -4.47 -0.21 -31.66
N VAL A 325 -4.82 -0.57 -30.42
CA VAL A 325 -4.42 -1.88 -29.89
C VAL A 325 -5.03 -3.00 -30.72
N THR A 326 -6.32 -2.89 -31.03
CA THR A 326 -6.99 -3.96 -31.78
C THR A 326 -6.27 -4.24 -33.08
N GLU A 327 -5.85 -3.19 -33.78
CA GLU A 327 -5.21 -3.43 -35.07
C GLU A 327 -3.81 -3.99 -34.92
N PHE A 328 -3.10 -3.62 -33.85
CA PHE A 328 -1.79 -4.24 -33.60
C PHE A 328 -1.92 -5.69 -33.20
N CYS A 329 -2.88 -6.00 -32.31
CA CYS A 329 -3.09 -7.39 -31.92
C CYS A 329 -3.51 -8.26 -33.10
N GLU A 330 -4.20 -7.69 -34.09
N GLU A 330 -4.19 -7.66 -34.08
CA GLU A 330 -4.62 -8.47 -35.24
CA GLU A 330 -4.64 -8.41 -35.25
C GLU A 330 -3.43 -9.02 -36.00
C GLU A 330 -3.46 -8.96 -36.04
N THR A 331 -2.33 -8.27 -36.05
CA THR A 331 -1.15 -8.70 -36.80
C THR A 331 0.02 -9.20 -35.94
N CYS A 332 -0.02 -9.00 -34.62
CA CYS A 332 1.17 -9.27 -33.79
C CYS A 332 1.29 -10.75 -33.39
N LYS A 333 0.38 -11.23 -32.55
CA LYS A 333 0.33 -12.61 -32.06
C LYS A 333 1.58 -13.08 -31.31
N LYS A 334 2.44 -12.19 -30.78
CA LYS A 334 3.59 -12.66 -30.02
C LYS A 334 3.18 -13.47 -28.79
N CYS A 335 2.20 -12.97 -28.04
CA CYS A 335 1.73 -13.68 -26.86
C CYS A 335 1.25 -15.09 -27.22
N ALA A 336 0.49 -15.23 -28.30
CA ALA A 336 -0.01 -16.54 -28.69
C ALA A 336 1.14 -17.48 -29.04
N ARG A 337 2.18 -16.95 -29.69
CA ARG A 337 3.29 -17.80 -30.11
C ARG A 337 4.14 -18.22 -28.92
N GLU A 338 4.29 -17.34 -27.93
CA GLU A 338 5.15 -17.61 -26.79
C GLU A 338 4.42 -18.31 -25.65
N CYS A 339 3.09 -18.30 -25.63
CA CYS A 339 2.34 -18.91 -24.54
C CYS A 339 2.77 -20.37 -24.34
N PRO A 340 3.28 -20.74 -23.16
CA PRO A 340 3.73 -22.14 -22.96
C PRO A 340 2.63 -23.17 -23.01
N SER A 341 1.37 -22.78 -22.93
CA SER A 341 0.27 -23.74 -22.94
C SER A 341 -0.60 -23.62 -24.19
N LYS A 342 -0.25 -22.74 -25.13
CA LYS A 342 -1.06 -22.50 -26.32
C LYS A 342 -2.49 -22.11 -25.96
N ALA A 343 -2.65 -21.35 -24.87
CA ALA A 343 -3.99 -20.97 -24.43
C ALA A 343 -4.58 -19.84 -25.27
N ILE A 344 -3.74 -19.02 -25.90
CA ILE A 344 -4.18 -17.80 -26.57
C ILE A 344 -4.39 -18.09 -28.05
N THR A 345 -5.56 -17.71 -28.56
CA THR A 345 -5.88 -18.00 -29.95
C THR A 345 -5.05 -17.14 -30.89
N GLU A 346 -4.74 -17.71 -32.06
CA GLU A 346 -4.17 -16.95 -33.16
C GLU A 346 -5.21 -16.52 -34.17
N GLY A 347 -6.49 -16.83 -33.93
CA GLY A 347 -7.54 -16.53 -34.85
C GLY A 347 -8.20 -15.19 -34.63
N PRO A 348 -9.30 -14.94 -35.32
CA PRO A 348 -10.02 -13.67 -35.19
C PRO A 348 -10.89 -13.63 -33.93
N ARG A 349 -11.36 -12.43 -33.62
CA ARG A 349 -12.33 -12.26 -32.55
C ARG A 349 -13.68 -12.87 -32.95
N THR A 350 -14.39 -13.43 -31.97
CA THR A 350 -15.74 -13.92 -32.20
C THR A 350 -16.61 -13.55 -31.00
N PHE A 351 -17.92 -13.79 -31.14
CA PHE A 351 -18.87 -13.67 -30.05
C PHE A 351 -19.11 -14.99 -29.31
N GLU A 352 -18.41 -16.05 -29.68
CA GLU A 352 -18.73 -17.39 -29.20
C GLU A 352 -17.63 -17.87 -28.27
N GLY A 353 -18.01 -18.14 -27.01
CA GLY A 353 -17.01 -18.56 -26.04
C GLY A 353 -16.33 -19.86 -26.44
N ARG A 354 -15.05 -19.95 -26.10
CA ARG A 354 -14.29 -21.15 -26.39
C ARG A 354 -14.70 -22.29 -25.46
N SER A 355 -14.97 -21.97 -24.20
CA SER A 355 -15.41 -22.97 -23.22
C SER A 355 -16.22 -22.25 -22.15
N ILE A 356 -16.57 -23.01 -21.11
CA ILE A 356 -17.36 -22.47 -20.01
C ILE A 356 -16.71 -21.25 -19.35
N HIS A 357 -15.39 -21.12 -19.44
CA HIS A 357 -14.71 -20.03 -18.75
C HIS A 357 -14.91 -18.67 -19.43
N ASN A 358 -15.29 -18.65 -20.70
CA ASN A 358 -15.52 -17.40 -21.42
C ASN A 358 -16.97 -16.98 -21.34
N GLN A 359 -17.20 -15.67 -21.26
CA GLN A 359 -18.55 -15.13 -21.37
C GLN A 359 -18.87 -14.89 -22.84
N SER A 360 -19.82 -15.66 -23.39
CA SER A 360 -20.24 -15.49 -24.77
C SER A 360 -21.07 -14.22 -24.94
N GLY A 361 -21.14 -13.76 -26.19
CA GLY A 361 -21.97 -12.62 -26.51
C GLY A 361 -21.28 -11.29 -26.52
N LYS A 362 -19.95 -11.26 -26.39
CA LYS A 362 -19.18 -10.03 -26.54
C LYS A 362 -18.00 -10.31 -27.45
N LEU A 363 -17.69 -9.36 -28.33
CA LEU A 363 -16.66 -9.57 -29.33
C LEU A 363 -15.27 -9.46 -28.69
N GLN A 364 -14.52 -10.54 -28.71
CA GLN A 364 -13.22 -10.59 -28.08
C GLN A 364 -12.45 -11.75 -28.69
N TRP A 365 -11.14 -11.76 -28.44
CA TRP A 365 -10.36 -12.95 -28.73
C TRP A 365 -10.64 -14.00 -27.65
N GLN A 366 -11.02 -15.19 -28.06
CA GLN A 366 -11.51 -16.23 -27.16
C GLN A 366 -10.37 -17.18 -26.81
N ASN A 367 -9.92 -17.14 -25.56
CA ASN A 367 -8.78 -17.93 -25.13
C ASN A 367 -9.24 -19.09 -24.26
N ASP A 368 -8.42 -20.14 -24.24
CA ASP A 368 -8.70 -21.35 -23.46
C ASP A 368 -8.03 -21.20 -22.09
N TYR A 369 -8.80 -20.79 -21.09
CA TYR A 369 -8.17 -20.47 -19.83
C TYR A 369 -7.97 -21.69 -18.93
N ASN A 370 -8.54 -22.84 -19.27
CA ASN A 370 -8.11 -24.08 -18.61
C ASN A 370 -6.69 -24.44 -18.99
N LYS A 371 -6.33 -24.24 -20.27
CA LYS A 371 -4.95 -24.48 -20.67
C LYS A 371 -3.98 -23.58 -19.93
N CYS A 372 -4.30 -22.29 -19.83
CA CYS A 372 -3.47 -21.36 -19.06
C CYS A 372 -3.26 -21.86 -17.63
N LEU A 373 -4.36 -22.11 -16.91
CA LEU A 373 -4.23 -22.50 -15.51
C LEU A 373 -3.43 -23.79 -15.36
N GLY A 374 -3.57 -24.71 -16.32
CA GLY A 374 -2.81 -25.95 -16.28
C GLY A 374 -1.30 -25.74 -16.29
N TYR A 375 -0.84 -24.63 -16.84
CA TYR A 375 0.61 -24.35 -16.83
C TYR A 375 1.10 -23.87 -15.47
N TRP A 376 0.20 -23.41 -14.60
CA TRP A 376 0.66 -22.82 -13.34
C TRP A 376 1.25 -23.86 -12.40
N PRO A 377 0.61 -25.00 -12.12
CA PRO A 377 1.29 -26.02 -11.30
C PRO A 377 2.55 -26.56 -11.94
N GLU A 378 2.56 -26.65 -13.28
CA GLU A 378 3.73 -27.16 -13.97
C GLU A 378 4.92 -26.24 -13.76
N SER A 379 4.69 -24.93 -13.78
CA SER A 379 5.77 -23.96 -13.65
C SER A 379 5.95 -23.47 -12.22
N GLY A 380 5.02 -23.78 -11.31
CA GLY A 380 5.16 -23.32 -9.94
C GLY A 380 4.92 -21.84 -9.73
N GLY A 381 4.18 -21.21 -10.61
CA GLY A 381 4.00 -19.77 -10.49
C GLY A 381 2.69 -19.29 -11.09
N TYR A 382 2.64 -18.01 -11.47
CA TYR A 382 1.47 -17.43 -12.13
C TYR A 382 1.79 -17.05 -13.56
N CYS A 383 2.81 -17.71 -14.14
CA CYS A 383 3.30 -17.48 -15.49
C CYS A 383 3.45 -15.98 -15.76
N GLY A 384 2.63 -15.42 -16.65
CA GLY A 384 2.79 -14.04 -17.07
C GLY A 384 3.62 -13.85 -18.33
N VAL A 385 3.97 -14.92 -19.03
CA VAL A 385 4.82 -14.80 -20.22
C VAL A 385 4.17 -13.88 -21.25
N CYS A 386 2.85 -13.98 -21.41
CA CYS A 386 2.12 -13.12 -22.35
C CYS A 386 2.34 -11.64 -22.03
N VAL A 387 2.19 -11.26 -20.76
CA VAL A 387 2.45 -9.88 -20.34
C VAL A 387 3.90 -9.51 -20.60
N ALA A 388 4.82 -10.41 -20.26
CA ALA A 388 6.24 -10.12 -20.40
C ALA A 388 6.65 -9.88 -21.85
N VAL A 389 6.10 -10.66 -22.79
CA VAL A 389 6.54 -10.53 -24.19
C VAL A 389 5.74 -9.51 -24.98
N CYS A 390 4.65 -8.99 -24.46
CA CYS A 390 3.85 -8.03 -25.22
C CYS A 390 4.67 -6.77 -25.49
N PRO A 391 4.77 -6.31 -26.74
CA PRO A 391 5.54 -5.09 -27.01
C PRO A 391 5.08 -3.89 -26.20
N PHE A 392 3.79 -3.82 -25.87
CA PHE A 392 3.29 -2.68 -25.10
C PHE A 392 3.82 -2.66 -23.67
N THR A 393 4.33 -3.81 -23.17
CA THR A 393 4.94 -3.84 -21.86
C THR A 393 6.31 -3.14 -21.85
N LYS A 394 6.96 -3.02 -23.00
CA LYS A 394 8.22 -2.28 -23.07
C LYS A 394 8.00 -0.80 -22.73
N GLY A 395 8.98 -0.19 -22.09
CA GLY A 395 8.79 1.19 -21.74
C GLY A 395 9.02 2.20 -22.85
N ASN A 396 9.27 1.72 -24.07
CA ASN A 396 9.90 2.52 -25.13
C ASN A 396 9.01 2.68 -26.36
N ILE A 397 7.70 2.60 -26.22
CA ILE A 397 6.88 2.38 -27.42
C ILE A 397 6.52 3.69 -28.13
N TRP A 398 6.45 4.81 -27.40
CA TRP A 398 5.82 6.02 -27.92
C TRP A 398 6.84 6.93 -28.58
N ILE A 399 6.53 7.38 -29.79
CA ILE A 399 7.36 8.38 -30.45
C ILE A 399 6.47 9.48 -30.99
N HIS A 400 7.07 10.65 -31.18
CA HIS A 400 6.35 11.80 -31.70
C HIS A 400 7.00 12.16 -33.03
N ASP A 401 6.18 12.38 -34.06
CA ASP A 401 6.72 12.61 -35.39
C ASP A 401 6.77 14.09 -35.77
N GLY A 402 6.66 14.98 -34.78
CA GLY A 402 6.57 16.40 -35.04
C GLY A 402 5.14 16.94 -35.11
N VAL A 403 4.17 16.07 -35.39
CA VAL A 403 2.77 16.44 -35.44
C VAL A 403 1.98 15.76 -34.30
N GLU A 404 2.21 14.46 -34.10
CA GLU A 404 1.37 13.69 -33.17
C GLU A 404 2.16 12.48 -32.68
N TRP A 405 1.59 11.82 -31.66
CA TRP A 405 2.18 10.61 -31.09
C TRP A 405 1.81 9.39 -31.90
N LEU A 406 2.69 8.40 -31.91
CA LEU A 406 2.44 7.14 -32.60
C LEU A 406 3.22 6.01 -31.95
N ILE A 407 2.81 4.77 -32.27
N ILE A 407 2.78 4.78 -32.25
CA ILE A 407 3.47 3.57 -31.78
CA ILE A 407 3.46 3.56 -31.81
C ILE A 407 4.59 3.20 -32.74
C ILE A 407 4.61 3.25 -32.76
N ASP A 408 5.78 2.93 -32.19
CA ASP A 408 6.93 2.53 -33.00
C ASP A 408 6.78 1.08 -33.46
N ASN A 409 6.54 0.88 -34.76
CA ASN A 409 6.33 -0.47 -35.29
C ASN A 409 7.55 -1.37 -35.15
N THR A 410 8.74 -0.80 -34.94
CA THR A 410 9.92 -1.66 -34.83
C THR A 410 9.81 -2.58 -33.60
N ARG A 411 9.06 -2.13 -32.58
CA ARG A 411 8.81 -2.95 -31.38
C ARG A 411 8.12 -4.26 -31.67
N PHE A 412 7.45 -4.38 -32.81
CA PHE A 412 6.61 -5.54 -33.09
C PHE A 412 7.28 -6.52 -34.05
N LEU A 413 8.49 -6.23 -34.51
CA LEU A 413 9.21 -7.12 -35.41
C LEU A 413 9.56 -8.46 -34.75
N ASN A 431 18.77 -12.24 -15.96
CA ASN A 431 18.43 -13.32 -15.04
C ASN A 431 18.00 -12.79 -13.68
N ILE A 432 17.59 -13.69 -12.79
CA ILE A 432 16.99 -13.27 -11.54
C ILE A 432 18.04 -12.74 -10.56
N THR A 433 19.26 -13.27 -10.60
CA THR A 433 20.32 -12.66 -9.79
C THR A 433 20.52 -11.19 -10.14
N GLU A 434 20.50 -10.86 -11.43
CA GLU A 434 20.66 -9.47 -11.85
C GLU A 434 19.47 -8.61 -11.42
N VAL A 435 18.28 -9.20 -11.30
CA VAL A 435 17.14 -8.45 -10.77
C VAL A 435 17.34 -8.13 -9.29
N TRP A 436 17.68 -9.14 -8.49
CA TRP A 436 17.95 -8.91 -7.07
C TRP A 436 19.05 -7.88 -6.87
N ASP A 437 20.04 -7.86 -7.76
CA ASP A 437 21.17 -6.94 -7.65
C ASP A 437 20.95 -5.63 -8.38
N GLY A 438 19.82 -5.44 -9.05
CA GLY A 438 19.65 -4.35 -9.97
C GLY A 438 18.74 -3.25 -9.45
N LYS A 439 18.19 -2.48 -10.39
CA LYS A 439 17.42 -1.28 -10.07
C LYS A 439 16.11 -1.61 -9.36
N ILE A 440 15.79 -0.81 -8.33
CA ILE A 440 14.50 -0.89 -7.67
C ILE A 440 14.23 0.47 -7.04
N ASN A 441 12.96 0.72 -6.76
CA ASN A 441 12.53 1.96 -6.14
C ASN A 441 11.23 1.67 -5.40
N THR A 442 10.67 2.70 -4.79
CA THR A 442 9.55 2.47 -3.87
C THR A 442 8.39 1.82 -4.60
N TYR A 443 7.85 0.75 -4.01
CA TYR A 443 6.74 -0.03 -4.56
C TYR A 443 7.07 -0.64 -5.92
N GLY A 444 8.36 -0.72 -6.25
CA GLY A 444 8.76 -1.22 -7.55
C GLY A 444 8.48 -0.29 -8.69
N LEU A 445 8.10 0.96 -8.40
CA LEU A 445 7.89 1.93 -9.46
C LEU A 445 9.24 2.37 -10.04
N ASP A 446 9.21 2.89 -11.27
CA ASP A 446 10.42 3.22 -12.02
C ASP A 446 10.47 4.74 -12.22
N ALA A 447 11.44 5.38 -11.58
CA ALA A 447 11.57 6.84 -11.69
C ALA A 447 11.87 7.29 -13.12
N ASP A 448 12.33 6.39 -14.00
CA ASP A 448 12.53 6.78 -15.40
C ASP A 448 11.21 7.01 -16.14
N HIS A 449 10.09 6.53 -15.60
CA HIS A 449 8.79 6.69 -16.26
C HIS A 449 7.73 7.26 -15.33
N PHE A 450 8.05 7.48 -14.06
CA PHE A 450 7.04 7.86 -13.08
C PHE A 450 6.39 9.21 -13.42
N ARG A 451 7.10 10.08 -14.15
CA ARG A 451 6.47 11.33 -14.57
C ARG A 451 5.23 11.09 -15.43
N ASP A 452 5.16 9.94 -16.12
CA ASP A 452 4.02 9.65 -16.98
C ASP A 452 2.69 9.61 -16.23
N THR A 453 2.69 9.38 -14.91
CA THR A 453 1.42 9.34 -14.19
C THR A 453 1.22 10.56 -13.29
N VAL A 454 1.97 11.64 -13.52
CA VAL A 454 1.69 12.89 -12.82
C VAL A 454 0.29 13.37 -13.23
N SER A 455 -0.39 14.03 -12.30
CA SER A 455 -1.77 14.43 -12.52
C SER A 455 -2.05 15.83 -11.99
N PHE A 456 -2.71 16.64 -12.80
CA PHE A 456 -3.26 17.93 -12.42
C PHE A 456 -4.76 17.91 -12.62
N ARG A 457 -5.45 18.94 -12.14
CA ARG A 457 -6.92 18.95 -12.26
C ARG A 457 -7.35 18.77 -13.71
N LYS A 458 -6.65 19.39 -14.65
CA LYS A 458 -7.09 19.33 -16.05
C LYS A 458 -7.19 17.91 -16.57
N ASP A 459 -6.35 17.00 -16.09
CA ASP A 459 -6.46 15.61 -16.54
C ASP A 459 -7.26 14.73 -15.59
N ARG A 460 -7.75 15.26 -14.47
CA ARG A 460 -8.69 14.50 -13.65
C ARG A 460 -10.14 14.73 -14.08
N VAL A 461 -10.49 15.93 -14.50
CA VAL A 461 -11.87 16.20 -14.87
C VAL A 461 -11.87 17.31 -15.91
N LYS A 462 -12.76 17.19 -16.88
CA LYS A 462 -12.81 18.14 -18.00
C LYS A 462 -14.08 18.97 -17.90
N ALA B 7 21.86 10.99 -5.26
CA ALA B 7 21.70 10.93 -3.81
C ALA B 7 22.59 9.85 -3.20
N ALA B 8 22.91 8.83 -3.99
CA ALA B 8 23.83 7.80 -3.51
C ALA B 8 25.23 8.37 -3.32
N GLU B 9 25.63 9.30 -4.21
CA GLU B 9 26.89 10.00 -4.06
C GLU B 9 26.94 10.79 -2.76
N ILE B 10 25.87 11.54 -2.46
CA ILE B 10 25.82 12.38 -1.26
C ILE B 10 25.96 11.53 -0.01
N ARG B 11 25.20 10.43 0.06
CA ARG B 11 25.17 9.64 1.28
C ARG B 11 26.52 8.97 1.55
N GLN B 12 27.22 8.52 0.51
CA GLN B 12 28.57 8.02 0.72
C GLN B 12 29.50 9.15 1.15
N GLN B 13 29.33 10.34 0.57
CA GLN B 13 30.19 11.47 0.92
C GLN B 13 30.09 11.84 2.39
N PHE B 14 28.95 11.62 3.01
CA PHE B 14 28.74 12.08 4.38
C PHE B 14 28.72 10.95 5.40
N ALA B 15 29.08 9.74 5.00
CA ALA B 15 29.10 8.62 5.94
C ALA B 15 30.14 8.85 7.02
N MET B 16 29.75 8.57 8.26
CA MET B 16 30.66 8.60 9.40
C MET B 16 31.28 7.21 9.60
N THR B 17 32.35 7.17 10.39
CA THR B 17 32.83 5.89 10.88
C THR B 17 31.79 5.25 11.80
N ALA B 18 31.92 3.95 12.01
CA ALA B 18 30.93 3.23 12.81
C ALA B 18 30.87 3.80 14.23
N GLY B 19 29.71 3.65 14.85
CA GLY B 19 29.51 4.11 16.22
C GLY B 19 28.28 4.97 16.36
N SER B 20 27.43 4.64 17.33
CA SER B 20 26.22 5.43 17.56
C SER B 20 26.61 6.89 17.77
N PRO B 21 26.03 7.82 17.01
CA PRO B 21 26.35 9.24 17.20
C PRO B 21 25.62 9.92 18.36
N ILE B 22 24.69 9.23 19.01
CA ILE B 22 23.93 9.83 20.11
C ILE B 22 24.79 9.83 21.36
N ILE B 23 25.06 11.02 21.91
CA ILE B 23 25.88 11.18 23.11
C ILE B 23 25.00 10.97 24.34
N VAL B 24 25.43 10.06 25.23
CA VAL B 24 24.66 9.71 26.42
C VAL B 24 25.55 9.90 27.64
N ASN B 25 24.93 9.92 28.82
CA ASN B 25 25.70 9.95 30.06
C ASN B 25 25.28 8.81 30.97
N ASP B 26 25.81 8.81 32.20
CA ASP B 26 25.57 7.76 33.18
C ASP B 26 24.14 7.71 33.68
N LYS B 27 23.36 8.77 33.47
CA LYS B 27 22.00 8.87 34.00
C LYS B 27 20.94 8.25 33.09
N LEU B 28 21.30 7.86 31.87
CA LEU B 28 20.31 7.40 30.90
C LEU B 28 19.63 6.12 31.35
N GLU B 29 18.31 6.10 31.29
CA GLU B 29 17.51 4.92 31.58
C GLU B 29 16.46 4.74 30.49
N ARG B 30 16.09 3.48 30.25
CA ARG B 30 15.02 3.22 29.29
C ARG B 30 13.73 3.90 29.74
N TYR B 31 12.93 4.29 28.77
CA TYR B 31 11.84 5.24 28.94
C TYR B 31 10.51 4.50 28.84
N ALA B 32 9.62 4.71 29.80
CA ALA B 32 8.31 4.06 29.80
C ALA B 32 7.39 4.74 28.79
N GLU B 33 6.81 3.95 27.88
CA GLU B 33 6.03 4.52 26.78
C GLU B 33 4.89 5.39 27.28
N VAL B 34 4.30 5.05 28.42
CA VAL B 34 3.17 5.80 28.96
C VAL B 34 3.53 7.28 29.19
N ARG B 35 4.82 7.60 29.27
CA ARG B 35 5.23 8.97 29.50
C ARG B 35 5.03 9.91 28.30
N THR B 36 4.74 9.38 27.10
CA THR B 36 4.54 10.31 25.97
C THR B 36 3.30 11.17 26.21
N ALA B 37 3.28 12.34 25.56
CA ALA B 37 2.17 13.27 25.76
C ALA B 37 0.84 12.67 25.32
N PHE B 38 0.86 11.80 24.30
CA PHE B 38 -0.36 11.16 23.82
C PHE B 38 -1.04 10.33 24.89
N THR B 39 -0.27 9.77 25.82
CA THR B 39 -0.78 8.75 26.74
C THR B 39 -0.74 9.16 28.20
N HIS B 40 0.14 10.05 28.60
CA HIS B 40 0.35 10.28 30.02
C HIS B 40 -0.85 11.00 30.64
N PRO B 41 -1.23 10.65 31.87
CA PRO B 41 -2.43 11.27 32.47
C PRO B 41 -2.33 12.79 32.63
N THR B 42 -1.12 13.35 32.78
CA THR B 42 -0.98 14.80 32.93
C THR B 42 -1.25 15.55 31.63
N SER B 43 -1.21 14.89 30.47
CA SER B 43 -1.33 15.57 29.19
C SER B 43 -2.49 15.06 28.35
N PHE B 44 -3.13 13.98 28.76
CA PHE B 44 -4.09 13.28 27.90
C PHE B 44 -5.39 14.06 27.74
N PHE B 45 -5.83 14.76 28.78
CA PHE B 45 -7.11 15.46 28.76
C PHE B 45 -6.90 16.94 28.42
N LYS B 46 -7.69 17.44 27.48
CA LYS B 46 -7.62 18.82 26.99
C LYS B 46 -9.03 19.35 26.76
N PRO B 47 -9.25 20.64 26.99
CA PRO B 47 -10.56 21.20 26.70
C PRO B 47 -10.82 21.31 25.20
N ASN B 48 -12.09 21.20 24.83
CA ASN B 48 -12.50 21.54 23.48
C ASN B 48 -12.81 23.03 23.42
N TYR B 49 -13.29 23.51 22.28
CA TYR B 49 -13.56 24.94 22.13
C TYR B 49 -14.77 25.40 22.95
N LYS B 50 -15.59 24.48 23.46
CA LYS B 50 -16.70 24.82 24.33
C LYS B 50 -16.30 24.83 25.80
N GLY B 51 -15.06 24.48 26.12
CA GLY B 51 -14.63 24.40 27.50
C GLY B 51 -14.84 23.05 28.15
N GLU B 52 -15.22 22.03 27.39
CA GLU B 52 -15.44 20.69 27.94
C GLU B 52 -14.14 19.90 27.88
N VAL B 53 -13.71 19.35 29.02
CA VAL B 53 -12.46 18.58 29.07
C VAL B 53 -12.72 17.15 28.62
N LYS B 54 -11.93 16.68 27.66
CA LYS B 54 -12.08 15.34 27.10
C LYS B 54 -10.71 14.76 26.77
N PRO B 55 -10.61 13.46 26.49
CA PRO B 55 -9.42 12.95 25.80
C PRO B 55 -9.06 13.88 24.64
N TRP B 56 -7.77 14.21 24.51
CA TRP B 56 -7.37 15.26 23.59
C TRP B 56 -7.89 15.02 22.17
N PHE B 57 -7.92 13.77 21.71
CA PHE B 57 -8.33 13.54 20.33
C PHE B 57 -9.84 13.73 20.14
N LEU B 58 -10.63 13.55 21.20
CA LEU B 58 -12.06 13.86 21.11
C LEU B 58 -12.29 15.37 21.09
N SER B 59 -11.52 16.13 21.87
CA SER B 59 -11.61 17.58 21.76
C SER B 59 -11.19 18.04 20.37
N ALA B 60 -10.17 17.38 19.79
CA ALA B 60 -9.76 17.74 18.44
C ALA B 60 -10.86 17.41 17.43
N TYR B 61 -11.53 16.26 17.59
CA TYR B 61 -12.69 15.93 16.77
C TYR B 61 -13.72 17.05 16.79
N ASP B 62 -14.04 17.57 17.98
CA ASP B 62 -15.04 18.63 18.07
C ASP B 62 -14.63 19.85 17.24
N GLU B 63 -13.33 20.16 17.21
CA GLU B 63 -12.87 21.28 16.39
C GLU B 63 -13.00 20.97 14.90
N LYS B 64 -12.74 19.71 14.49
CA LYS B 64 -12.91 19.35 13.09
C LYS B 64 -14.36 19.53 12.65
N VAL B 65 -15.31 19.10 13.49
CA VAL B 65 -16.73 19.28 13.18
C VAL B 65 -17.06 20.76 13.08
N ARG B 66 -16.63 21.54 14.07
CA ARG B 66 -16.88 22.98 14.06
C ARG B 66 -16.31 23.61 12.79
N GLN B 67 -15.14 23.15 12.33
CA GLN B 67 -14.55 23.75 11.14
C GLN B 67 -15.32 23.40 9.90
N ILE B 68 -15.74 22.14 9.75
CA ILE B 68 -16.54 21.76 8.59
C ILE B 68 -17.82 22.58 8.55
N GLU B 69 -18.53 22.67 9.68
CA GLU B 69 -19.74 23.47 9.76
C GLU B 69 -19.48 24.91 9.34
N ASN B 70 -18.33 25.46 9.74
CA ASN B 70 -17.99 26.86 9.47
C ASN B 70 -17.22 27.03 8.16
N GLY B 71 -17.11 25.99 7.34
CA GLY B 71 -16.43 26.10 6.05
C GLY B 71 -14.96 26.47 6.16
N GLU B 72 -14.24 25.79 7.04
CA GLU B 72 -12.84 26.07 7.31
C GLU B 72 -12.01 24.80 7.14
N ASN B 73 -10.77 24.99 6.66
CA ASN B 73 -9.77 23.93 6.52
C ASN B 73 -8.80 23.85 7.68
N GLY B 74 -8.91 24.76 8.63
CA GLY B 74 -7.98 24.84 9.74
C GLY B 74 -8.34 26.04 10.60
N PRO B 75 -7.57 26.29 11.66
CA PRO B 75 -7.92 27.38 12.58
C PRO B 75 -7.84 28.72 11.87
N LYS B 76 -8.97 29.43 11.85
CA LYS B 76 -9.08 30.72 11.17
C LYS B 76 -8.65 30.64 9.71
N MET B 77 -8.89 29.51 9.05
CA MET B 77 -8.53 29.33 7.65
C MET B 77 -9.78 28.91 6.88
N LYS B 78 -10.41 29.89 6.23
CA LYS B 78 -11.60 29.62 5.43
C LYS B 78 -11.27 28.69 4.29
N ALA B 79 -12.11 27.68 4.11
CA ALA B 79 -12.05 26.86 2.92
C ALA B 79 -12.76 27.56 1.78
N LYS B 80 -12.65 26.99 0.58
CA LYS B 80 -13.39 27.52 -0.54
C LYS B 80 -14.89 27.46 -0.28
N ASN B 81 -15.35 26.40 0.38
CA ASN B 81 -16.73 26.22 0.75
C ASN B 81 -16.79 25.04 1.73
N VAL B 82 -17.99 24.77 2.24
CA VAL B 82 -18.16 23.66 3.19
C VAL B 82 -17.77 22.34 2.53
N GLY B 83 -18.08 22.18 1.25
CA GLY B 83 -17.71 20.96 0.55
C GLY B 83 -16.22 20.69 0.61
N GLU B 84 -15.40 21.72 0.39
CA GLU B 84 -13.95 21.52 0.45
C GLU B 84 -13.49 21.17 1.86
N ALA B 85 -14.03 21.84 2.87
CA ALA B 85 -13.68 21.52 4.25
C ALA B 85 -13.98 20.05 4.55
N ARG B 86 -15.18 19.59 4.19
CA ARG B 86 -15.57 18.20 4.39
C ARG B 86 -14.61 17.23 3.69
N ALA B 87 -14.23 17.53 2.44
CA ALA B 87 -13.37 16.63 1.68
C ALA B 87 -12.00 16.47 2.33
N GLY B 88 -11.47 17.55 2.91
CA GLY B 88 -10.17 17.45 3.56
C GLY B 88 -10.19 16.53 4.76
N ARG B 89 -11.26 16.62 5.57
CA ARG B 89 -11.39 15.76 6.73
C ARG B 89 -11.75 14.33 6.33
N ALA B 90 -12.52 14.16 5.24
CA ALA B 90 -12.77 12.81 4.75
C ALA B 90 -11.48 12.15 4.30
N LEU B 91 -10.61 12.90 3.61
CA LEU B 91 -9.34 12.33 3.16
C LEU B 91 -8.47 11.94 4.36
N GLU B 92 -8.39 12.84 5.34
CA GLU B 92 -7.63 12.57 6.56
C GLU B 92 -8.13 11.31 7.26
N ALA B 93 -9.44 11.24 7.50
CA ALA B 93 -9.99 10.09 8.22
C ALA B 93 -9.72 8.80 7.46
N ALA B 94 -9.90 8.82 6.14
CA ALA B 94 -9.66 7.62 5.34
C ALA B 94 -8.20 7.18 5.38
N GLY B 95 -7.27 8.12 5.49
CA GLY B 95 -5.87 7.75 5.45
C GLY B 95 -5.46 6.78 6.54
N TRP B 96 -6.11 6.86 7.69
CA TRP B 96 -5.85 6.05 8.89
C TRP B 96 -6.42 4.62 8.81
N THR B 97 -6.94 4.19 7.65
CA THR B 97 -7.69 2.93 7.57
C THR B 97 -6.92 1.74 8.15
N LEU B 98 -5.60 1.67 7.87
CA LEU B 98 -4.81 0.52 8.31
C LEU B 98 -3.99 0.83 9.57
N ASP B 99 -4.54 1.63 10.48
CA ASP B 99 -3.82 2.01 11.69
C ASP B 99 -4.77 1.95 12.89
N ILE B 100 -4.29 1.43 14.02
CA ILE B 100 -5.11 1.27 15.22
C ILE B 100 -4.80 2.40 16.20
N ASN B 101 -5.84 3.20 16.53
CA ASN B 101 -5.80 4.18 17.62
C ASN B 101 -4.58 5.10 17.54
N TYR B 102 -4.32 5.60 16.32
CA TYR B 102 -3.31 6.63 16.06
C TYR B 102 -1.90 6.14 16.43
N GLY B 103 -1.45 5.15 15.67
CA GLY B 103 -0.04 4.80 15.70
C GLY B 103 0.32 3.33 15.82
N ASN B 104 -0.66 2.44 15.97
CA ASN B 104 -0.38 0.99 16.08
C ASN B 104 0.59 0.66 17.23
N ILE B 105 0.49 1.37 18.35
CA ILE B 105 1.53 1.19 19.36
C ILE B 105 1.39 -0.09 20.18
N TYR B 106 0.20 -0.69 20.31
CA TYR B 106 0.08 -1.89 21.17
C TYR B 106 0.87 -3.03 20.54
N PRO B 107 1.91 -3.55 21.20
CA PRO B 107 2.70 -4.63 20.57
C PRO B 107 1.91 -5.93 20.60
N ASN B 108 2.04 -6.69 19.52
CA ASN B 108 1.46 -8.04 19.40
C ASN B 108 -0.07 -8.02 19.52
N ARG B 109 -0.68 -6.96 18.97
CA ARG B 109 -2.12 -6.81 18.86
C ARG B 109 -2.45 -6.33 17.44
N PHE B 110 -3.62 -6.74 16.95
CA PHE B 110 -4.16 -6.26 15.68
C PHE B 110 -3.18 -6.49 14.53
N PHE B 111 -2.64 -5.43 13.94
CA PHE B 111 -1.69 -5.60 12.82
C PHE B 111 -0.26 -5.91 13.28
N MET B 112 0.08 -5.62 14.53
CA MET B 112 1.46 -5.71 15.01
C MET B 112 1.78 -7.06 15.65
N LEU B 113 1.39 -8.17 15.02
CA LEU B 113 1.64 -9.47 15.65
C LEU B 113 3.12 -9.83 15.61
N TRP B 114 3.62 -10.36 16.72
CA TRP B 114 5.02 -10.73 16.84
C TRP B 114 5.34 -12.10 16.24
N SER B 115 4.32 -12.89 15.93
CA SER B 115 4.48 -14.12 15.16
C SER B 115 3.54 -14.07 13.96
N GLY B 116 3.97 -14.67 12.84
CA GLY B 116 3.10 -14.76 11.68
C GLY B 116 2.13 -15.91 11.69
N GLU B 117 2.16 -16.75 12.74
CA GLU B 117 1.52 -18.06 12.69
C GLU B 117 0.01 -17.99 12.45
N THR B 118 -0.68 -17.00 13.04
CA THR B 118 -2.14 -16.93 12.90
C THR B 118 -2.60 -16.11 11.71
N MET B 119 -1.69 -15.47 10.97
CA MET B 119 -2.11 -14.59 9.89
C MET B 119 -2.74 -15.39 8.76
N THR B 120 -3.74 -14.78 8.09
CA THR B 120 -4.40 -15.49 6.97
C THR B 120 -3.40 -15.85 5.88
N ASN B 121 -2.43 -14.97 5.59
CA ASN B 121 -1.45 -15.25 4.55
C ASN B 121 -0.56 -16.43 4.92
N THR B 122 -0.08 -16.46 6.17
CA THR B 122 0.74 -17.60 6.62
C THR B 122 -0.04 -18.90 6.52
N GLN B 123 -1.31 -18.90 6.92
CA GLN B 123 -2.11 -20.12 6.86
C GLN B 123 -2.29 -20.59 5.41
N LEU B 124 -2.55 -19.67 4.50
CA LEU B 124 -2.73 -20.03 3.10
C LEU B 124 -1.46 -20.67 2.54
N TRP B 125 -0.29 -20.15 2.94
CA TRP B 125 1.00 -20.60 2.44
C TRP B 125 1.60 -21.75 3.24
N ALA B 126 0.93 -22.20 4.29
CA ALA B 126 1.50 -23.19 5.19
C ALA B 126 2.04 -24.44 4.49
N PRO B 127 1.39 -25.01 3.47
CA PRO B 127 1.96 -26.23 2.85
C PRO B 127 3.35 -26.03 2.28
N VAL B 128 3.74 -24.80 1.93
CA VAL B 128 5.10 -24.60 1.41
C VAL B 128 6.13 -24.67 2.52
N GLY B 129 5.74 -24.33 3.75
CA GLY B 129 6.65 -24.44 4.88
C GLY B 129 7.76 -23.41 4.96
N LEU B 130 7.60 -22.26 4.31
CA LEU B 130 8.67 -21.25 4.31
C LEU B 130 8.96 -20.73 5.72
N ASP B 131 7.95 -20.62 6.55
CA ASP B 131 8.17 -20.10 7.90
C ASP B 131 8.70 -21.14 8.88
N ARG B 132 8.73 -22.43 8.52
CA ARG B 132 9.32 -23.43 9.41
C ARG B 132 10.65 -23.99 8.90
N ARG B 133 10.98 -23.75 7.64
CA ARG B 133 12.23 -24.23 7.07
C ARG B 133 13.39 -23.38 7.61
N PRO B 134 14.48 -23.99 8.07
CA PRO B 134 15.64 -23.20 8.50
C PRO B 134 16.12 -22.30 7.39
N PRO B 135 16.83 -21.21 7.72
CA PRO B 135 17.31 -20.31 6.66
C PRO B 135 18.20 -21.04 5.66
N ASP B 136 18.05 -20.71 4.40
CA ASP B 136 19.00 -21.18 3.41
C ASP B 136 20.15 -20.21 3.18
N THR B 137 20.04 -19.00 3.74
CA THR B 137 21.07 -17.97 3.62
C THR B 137 21.36 -17.41 5.00
N THR B 138 22.63 -17.43 5.40
CA THR B 138 23.05 -16.84 6.66
C THR B 138 24.07 -15.74 6.48
N ASP B 139 24.57 -15.54 5.26
CA ASP B 139 25.51 -14.50 4.89
C ASP B 139 24.87 -13.12 5.05
N PRO B 140 25.35 -12.30 6.00
CA PRO B 140 24.73 -10.98 6.21
C PRO B 140 24.79 -10.07 5.01
N VAL B 141 25.78 -10.24 4.12
CA VAL B 141 25.86 -9.42 2.93
C VAL B 141 24.68 -9.70 2.00
N GLU B 142 24.44 -10.98 1.69
CA GLU B 142 23.32 -11.32 0.81
C GLU B 142 21.99 -11.00 1.47
N LEU B 143 21.85 -11.27 2.77
CA LEU B 143 20.59 -10.99 3.47
C LEU B 143 20.29 -9.50 3.46
N THR B 144 21.31 -8.67 3.68
CA THR B 144 21.10 -7.22 3.63
C THR B 144 20.60 -6.79 2.26
N ASN B 145 21.15 -7.36 1.19
CA ASN B 145 20.67 -7.00 -0.13
C ASN B 145 19.24 -7.47 -0.34
N TYR B 146 18.94 -8.72 0.05
CA TYR B 146 17.58 -9.25 -0.12
C TYR B 146 16.56 -8.43 0.65
N VAL B 147 16.84 -8.17 1.94
CA VAL B 147 15.82 -7.54 2.78
C VAL B 147 15.62 -6.09 2.39
N LYS B 148 16.67 -5.40 1.92
CA LYS B 148 16.50 -4.03 1.47
C LYS B 148 15.70 -3.97 0.18
N PHE B 149 15.95 -4.89 -0.75
CA PHE B 149 15.11 -4.97 -1.96
C PHE B 149 13.65 -5.18 -1.55
N ALA B 150 13.39 -6.11 -0.63
CA ALA B 150 12.02 -6.35 -0.15
C ALA B 150 11.45 -5.09 0.50
N ALA B 151 12.27 -4.36 1.26
CA ALA B 151 11.79 -3.16 1.92
C ALA B 151 11.31 -2.11 0.91
N ARG B 152 12.00 -2.01 -0.23
CA ARG B 152 11.57 -1.08 -1.25
C ARG B 152 10.27 -1.55 -1.90
N MET B 153 10.16 -2.86 -2.18
CA MET B 153 8.89 -3.39 -2.66
C MET B 153 7.76 -3.10 -1.66
N ALA B 154 8.08 -3.13 -0.37
CA ALA B 154 7.11 -2.94 0.71
C ALA B 154 6.78 -1.46 0.98
N GLY B 155 7.29 -0.52 0.20
CA GLY B 155 6.88 0.86 0.32
C GLY B 155 7.81 1.81 1.05
N ALA B 156 8.99 1.34 1.48
CA ALA B 156 9.98 2.26 2.05
C ALA B 156 10.61 3.11 0.95
N ASP B 157 10.70 4.43 1.20
CA ASP B 157 11.49 5.31 0.34
C ASP B 157 12.94 5.36 0.77
N LEU B 158 13.20 5.12 2.06
CA LEU B 158 14.54 4.97 2.62
C LEU B 158 14.54 3.71 3.47
N VAL B 159 15.69 3.04 3.54
CA VAL B 159 15.83 1.90 4.45
C VAL B 159 17.26 1.84 4.97
N GLY B 160 17.40 1.54 6.25
CA GLY B 160 18.71 1.40 6.86
C GLY B 160 18.68 0.33 7.93
N VAL B 161 19.88 -0.12 8.32
CA VAL B 161 20.05 -1.19 9.28
C VAL B 161 20.99 -0.72 10.38
N ALA B 162 20.66 -1.02 11.62
CA ALA B 162 21.56 -0.80 12.75
C ALA B 162 21.50 -1.98 13.69
N ARG B 163 22.58 -2.17 14.46
CA ARG B 163 22.46 -3.01 15.64
C ARG B 163 21.42 -2.39 16.58
N LEU B 164 20.67 -3.23 17.27
CA LEU B 164 19.62 -2.76 18.15
C LEU B 164 20.23 -2.22 19.43
N ASN B 165 20.02 -0.92 19.68
CA ASN B 165 20.43 -0.29 20.92
C ASN B 165 19.25 -0.33 21.89
N ARG B 166 19.38 -1.12 22.96
CA ARG B 166 18.24 -1.30 23.85
C ARG B 166 17.89 -0.04 24.63
N ASN B 167 18.76 0.98 24.64
CA ASN B 167 18.43 2.24 25.31
C ASN B 167 17.20 2.90 24.71
N TRP B 168 16.87 2.62 23.45
CA TRP B 168 15.75 3.26 22.82
C TRP B 168 14.51 2.40 22.80
N VAL B 169 14.59 1.18 23.32
CA VAL B 169 13.41 0.33 23.45
C VAL B 169 12.69 0.75 24.73
N TYR B 170 11.37 0.94 24.64
CA TYR B 170 10.60 1.36 25.80
C TYR B 170 10.77 0.36 26.93
N SER B 171 10.93 0.86 28.15
CA SER B 171 11.02 -0.04 29.30
C SER B 171 9.72 -0.81 29.47
N GLU B 172 8.60 -0.14 29.26
CA GLU B 172 7.28 -0.76 29.32
C GLU B 172 6.45 -0.19 28.18
N ALA B 173 5.69 -1.06 27.53
CA ALA B 173 4.82 -0.66 26.44
C ALA B 173 3.44 -0.26 26.97
N VAL B 174 2.73 0.54 26.18
CA VAL B 174 1.29 0.71 26.34
C VAL B 174 0.59 -0.32 25.45
N THR B 175 -0.33 -1.09 26.03
CA THR B 175 -1.00 -2.15 25.29
C THR B 175 -2.39 -2.35 25.89
N ILE B 176 -3.05 -3.43 25.50
CA ILE B 176 -4.34 -3.84 26.05
C ILE B 176 -4.28 -5.35 26.32
N PRO B 177 -5.10 -5.83 27.25
CA PRO B 177 -5.18 -7.29 27.42
C PRO B 177 -5.55 -7.96 26.11
N ALA B 178 -5.04 -9.17 25.92
CA ALA B 178 -5.09 -9.81 24.60
C ALA B 178 -6.52 -10.13 24.17
N ASP B 179 -7.43 -10.33 25.12
CA ASP B 179 -8.81 -10.69 24.79
C ASP B 179 -9.76 -9.50 24.84
N VAL B 180 -9.26 -8.29 25.04
CA VAL B 180 -10.13 -7.12 25.03
C VAL B 180 -10.47 -6.77 23.59
N PRO B 181 -11.75 -6.63 23.25
CA PRO B 181 -12.12 -6.31 21.87
C PRO B 181 -11.82 -4.85 21.53
N TYR B 182 -11.73 -4.57 20.23
CA TYR B 182 -11.36 -3.22 19.79
C TYR B 182 -12.24 -2.15 20.46
N GLU B 183 -13.55 -2.40 20.55
CA GLU B 183 -14.48 -1.40 21.06
C GLU B 183 -14.11 -0.90 22.45
N GLN B 184 -13.45 -1.73 23.26
CA GLN B 184 -13.05 -1.32 24.60
C GLN B 184 -11.57 -0.97 24.73
N SER B 185 -10.82 -0.96 23.62
CA SER B 185 -9.36 -0.82 23.71
C SER B 185 -8.95 0.50 24.36
N LEU B 186 -9.53 1.62 23.92
CA LEU B 186 -9.12 2.93 24.43
C LEU B 186 -9.34 3.04 25.95
N HIS B 187 -10.34 2.32 26.49
CA HIS B 187 -10.67 2.39 27.91
C HIS B 187 -9.93 1.37 28.76
N LYS B 188 -9.17 0.46 28.15
CA LYS B 188 -8.52 -0.61 28.90
C LYS B 188 -7.04 -0.70 28.54
N GLU B 189 -6.40 0.43 28.25
CA GLU B 189 -4.96 0.43 28.01
C GLU B 189 -4.23 0.20 29.32
N ILE B 190 -3.16 -0.60 29.24
CA ILE B 190 -2.33 -0.97 30.39
C ILE B 190 -0.86 -0.81 30.03
N GLU B 191 -0.02 -0.82 31.06
N GLU B 191 -0.01 -0.93 31.04
CA GLU B 191 1.43 -0.88 30.85
CA GLU B 191 1.44 -0.84 30.89
C GLU B 191 1.89 -2.33 30.92
C GLU B 191 2.05 -2.23 31.08
N LYS B 192 2.94 -2.63 30.18
CA LYS B 192 3.51 -3.97 30.19
C LYS B 192 5.01 -3.94 29.89
N PRO B 193 5.83 -4.54 30.75
CA PRO B 193 7.28 -4.50 30.52
C PRO B 193 7.70 -5.21 29.24
N ILE B 194 8.69 -4.62 28.57
CA ILE B 194 9.42 -5.26 27.48
C ILE B 194 10.77 -5.69 28.05
N VAL B 195 11.06 -7.00 28.00
CA VAL B 195 12.28 -7.54 28.56
C VAL B 195 13.00 -8.38 27.51
N PHE B 196 14.29 -8.57 27.74
CA PHE B 196 15.13 -9.41 26.87
C PHE B 196 15.56 -10.65 27.64
N LYS B 197 15.35 -11.81 27.04
CA LYS B 197 15.66 -13.08 27.71
C LYS B 197 16.21 -14.06 26.70
N ASP B 198 16.82 -15.12 27.23
CA ASP B 198 17.33 -16.22 26.40
C ASP B 198 16.16 -17.14 26.06
N VAL B 199 15.45 -16.80 24.98
CA VAL B 199 14.35 -17.61 24.47
C VAL B 199 14.53 -17.73 22.96
N PRO B 200 13.92 -18.75 22.34
CA PRO B 200 14.14 -18.91 20.89
C PRO B 200 13.42 -17.87 20.05
N LEU B 201 12.20 -17.48 20.44
CA LEU B 201 11.32 -16.67 19.61
C LEU B 201 10.70 -15.55 20.43
N PRO B 202 10.36 -14.43 19.79
CA PRO B 202 9.58 -13.40 20.50
C PRO B 202 8.30 -14.01 21.06
N ILE B 203 8.02 -13.70 22.32
CA ILE B 203 6.90 -14.34 23.00
C ILE B 203 6.30 -13.36 24.00
N GLU B 204 4.99 -13.42 24.16
CA GLU B 204 4.30 -12.61 25.15
C GLU B 204 3.65 -13.51 26.18
N THR B 205 3.95 -13.28 27.47
CA THR B 205 3.28 -13.94 28.57
C THR B 205 2.24 -13.01 29.17
N ASP B 206 1.54 -13.49 30.20
CA ASP B 206 0.62 -12.61 30.92
C ASP B 206 1.35 -11.39 31.46
N ASP B 207 2.62 -11.54 31.82
CA ASP B 207 3.33 -10.49 32.54
C ASP B 207 4.27 -9.67 31.68
N GLU B 208 4.77 -10.21 30.56
CA GLU B 208 5.88 -9.55 29.88
C GLU B 208 5.81 -9.73 28.38
N LEU B 209 6.28 -8.71 27.67
CA LEU B 209 6.65 -8.84 26.26
C LEU B 209 8.13 -9.21 26.20
N ILE B 210 8.44 -10.39 25.66
CA ILE B 210 9.79 -10.94 25.74
C ILE B 210 10.42 -10.90 24.35
N ILE B 211 11.48 -10.12 24.21
CA ILE B 211 12.29 -10.08 23.01
C ILE B 211 13.50 -10.98 23.22
N PRO B 212 13.84 -11.87 22.28
CA PRO B 212 15.01 -12.73 22.46
C PRO B 212 16.31 -11.93 22.50
N ASN B 213 17.25 -12.41 23.32
CA ASN B 213 18.60 -11.87 23.30
C ASN B 213 19.26 -11.98 21.93
N THR B 214 18.79 -12.90 21.09
CA THR B 214 19.33 -13.01 19.74
C THR B 214 18.82 -11.92 18.81
N CYS B 215 17.94 -11.02 19.27
CA CYS B 215 17.35 -10.01 18.39
C CYS B 215 18.36 -8.89 18.21
N GLU B 216 19.26 -9.11 17.24
CA GLU B 216 20.48 -8.32 17.12
C GLU B 216 20.25 -6.97 16.44
N ASN B 217 19.29 -6.89 15.51
CA ASN B 217 19.26 -5.85 14.50
C ASN B 217 17.90 -5.15 14.44
N VAL B 218 17.92 -3.91 13.96
CA VAL B 218 16.71 -3.17 13.66
C VAL B 218 16.82 -2.65 12.23
N ILE B 219 15.74 -2.82 11.46
CA ILE B 219 15.64 -2.31 10.10
C ILE B 219 14.71 -1.10 10.16
N VAL B 220 15.18 0.07 9.73
CA VAL B 220 14.40 1.30 9.84
C VAL B 220 14.01 1.74 8.44
N ALA B 221 12.73 2.10 8.26
CA ALA B 221 12.21 2.57 6.99
C ALA B 221 11.77 4.02 7.08
N GLY B 222 12.08 4.79 6.05
CA GLY B 222 11.52 6.12 5.86
C GLY B 222 10.41 6.08 4.82
N ILE B 223 9.28 6.69 5.15
CA ILE B 223 8.08 6.67 4.32
C ILE B 223 7.73 8.13 4.03
N ALA B 224 8.00 8.58 2.80
CA ALA B 224 7.98 10.00 2.48
C ALA B 224 6.56 10.57 2.47
N MET B 225 6.37 11.72 3.10
CA MET B 225 5.11 12.46 3.04
C MET B 225 5.12 13.39 1.83
N ASN B 226 3.94 13.94 1.51
CA ASN B 226 3.80 14.77 0.32
C ASN B 226 4.10 16.22 0.66
N ARG B 227 4.94 16.85 -0.15
CA ARG B 227 5.44 18.18 0.21
C ARG B 227 4.34 19.23 0.11
N GLU B 228 3.54 19.22 -0.97
CA GLU B 228 2.49 20.22 -1.10
C GLU B 228 1.48 20.14 0.04
N MET B 229 1.14 18.92 0.44
CA MET B 229 0.15 18.75 1.51
C MET B 229 0.72 19.14 2.86
N MET B 230 1.96 18.74 3.16
CA MET B 230 2.53 19.16 4.44
C MET B 230 2.70 20.68 4.52
N GLN B 231 2.87 21.35 3.39
CA GLN B 231 3.00 22.80 3.48
C GLN B 231 1.69 23.50 3.82
N THR B 232 0.56 22.79 3.88
CA THR B 232 -0.67 23.41 4.38
C THR B 232 -0.77 23.36 5.90
N ALA B 233 0.21 22.80 6.60
CA ALA B 233 0.19 22.74 8.07
C ALA B 233 -0.10 24.12 8.64
N PRO B 234 -0.92 24.20 9.71
CA PRO B 234 -1.53 23.11 10.49
C PRO B 234 -2.91 22.70 9.99
N ASN B 235 -3.18 22.90 8.69
CA ASN B 235 -4.52 22.69 8.16
C ASN B 235 -4.71 21.24 7.74
N SER B 236 -5.90 20.93 7.17
CA SER B 236 -6.35 19.54 7.09
C SER B 236 -5.54 18.71 6.10
N MET B 237 -4.97 19.31 5.05
CA MET B 237 -4.29 18.46 4.08
C MET B 237 -2.96 17.95 4.61
N ALA B 238 -2.34 18.68 5.55
CA ALA B 238 -1.19 18.14 6.25
C ALA B 238 -1.58 16.95 7.11
N CYS B 239 -2.79 16.99 7.70
CA CYS B 239 -3.28 15.82 8.45
C CYS B 239 -3.43 14.62 7.53
N ALA B 240 -3.86 14.86 6.28
CA ALA B 240 -4.13 13.75 5.37
C ALA B 240 -2.85 13.05 4.94
N THR B 241 -1.79 13.79 4.63
CA THR B 241 -0.58 13.08 4.23
C THR B 241 0.04 12.34 5.41
N THR B 242 -0.05 12.92 6.61
CA THR B 242 0.31 12.21 7.84
C THR B 242 -0.43 10.88 7.94
N ALA B 243 -1.76 10.92 7.79
CA ALA B 243 -2.59 9.74 8.03
C ALA B 243 -2.29 8.64 7.01
N PHE B 244 -2.24 8.99 5.72
CA PHE B 244 -1.99 7.97 4.70
C PHE B 244 -0.66 7.26 4.93
N CYS B 245 0.35 8.02 5.38
CA CYS B 245 1.64 7.39 5.60
C CYS B 245 1.65 6.46 6.82
N TYR B 246 0.77 6.67 7.81
CA TYR B 246 0.66 5.68 8.87
C TYR B 246 0.15 4.36 8.35
N SER B 247 -0.78 4.38 7.39
CA SER B 247 -1.23 3.12 6.82
C SER B 247 -0.14 2.50 5.93
N ARG B 248 0.66 3.33 5.22
CA ARG B 248 1.83 2.82 4.51
C ARG B 248 2.83 2.16 5.46
N MET B 249 3.04 2.78 6.64
CA MET B 249 3.90 2.18 7.66
C MET B 249 3.42 0.80 8.06
N CYS B 250 2.12 0.66 8.28
CA CYS B 250 1.59 -0.62 8.73
C CYS B 250 1.76 -1.70 7.67
N MET B 251 1.46 -1.39 6.41
CA MET B 251 1.67 -2.39 5.37
C MET B 251 3.14 -2.73 5.21
N PHE B 252 4.03 -1.74 5.35
CA PHE B 252 5.45 -2.03 5.29
C PHE B 252 5.86 -3.04 6.36
N ASP B 253 5.48 -2.79 7.63
CA ASP B 253 5.84 -3.69 8.71
C ASP B 253 5.38 -5.11 8.44
N MET B 254 4.11 -5.27 8.03
CA MET B 254 3.57 -6.61 7.83
C MET B 254 4.26 -7.30 6.67
N TRP B 255 4.36 -6.62 5.53
CA TRP B 255 5.05 -7.19 4.36
C TRP B 255 6.47 -7.62 4.73
N LEU B 256 7.24 -6.75 5.36
CA LEU B 256 8.65 -7.06 5.62
C LEU B 256 8.79 -8.15 6.66
N CYS B 257 7.97 -8.10 7.74
CA CYS B 257 8.00 -9.20 8.72
C CYS B 257 7.70 -10.54 8.06
N GLN B 258 6.70 -10.58 7.19
CA GLN B 258 6.40 -11.84 6.52
C GLN B 258 7.57 -12.31 5.66
N PHE B 259 8.24 -11.38 4.95
CA PHE B 259 9.40 -11.76 4.15
C PHE B 259 10.49 -12.36 5.03
N ILE B 260 10.81 -11.70 6.14
CA ILE B 260 11.87 -12.16 7.04
C ILE B 260 11.50 -13.52 7.62
N ARG B 261 10.23 -13.71 8.01
CA ARG B 261 9.78 -15.01 8.52
C ARG B 261 9.88 -16.09 7.46
N TYR B 262 9.49 -15.78 6.22
CA TYR B 262 9.55 -16.76 5.14
C TYR B 262 10.98 -17.06 4.71
N MET B 263 11.94 -16.26 5.15
CA MET B 263 13.37 -16.52 4.99
C MET B 263 13.95 -17.38 6.10
N GLY B 264 13.16 -17.70 7.12
CA GLY B 264 13.61 -18.54 8.21
C GLY B 264 14.03 -17.81 9.46
N TYR B 265 13.73 -16.53 9.59
CA TYR B 265 14.07 -15.74 10.78
C TYR B 265 12.79 -15.28 11.46
N TYR B 266 12.92 -14.62 12.61
CA TYR B 266 11.75 -13.99 13.21
C TYR B 266 11.81 -12.47 13.02
N ALA B 267 10.67 -11.82 13.24
CA ALA B 267 10.57 -10.39 12.96
C ALA B 267 9.47 -9.78 13.82
N ILE B 268 9.79 -8.64 14.43
CA ILE B 268 8.87 -7.93 15.31
C ILE B 268 8.50 -6.62 14.64
N PRO B 269 7.23 -6.40 14.27
CA PRO B 269 6.83 -5.11 13.70
C PRO B 269 6.67 -4.09 14.83
N SER B 270 6.50 -2.81 14.47
CA SER B 270 6.28 -1.87 15.56
C SER B 270 5.52 -0.58 15.22
N CYS B 271 5.64 -0.03 14.00
CA CYS B 271 5.12 1.31 13.74
C CYS B 271 5.52 2.31 14.85
N ASN B 272 4.58 2.94 15.54
CA ASN B 272 4.97 3.90 16.58
C ASN B 272 5.26 3.27 17.93
N GLY B 273 5.12 1.95 18.07
CA GLY B 273 5.34 1.28 19.33
C GLY B 273 6.78 0.81 19.51
N VAL B 274 7.00 0.12 20.65
CA VAL B 274 8.18 -0.68 20.99
C VAL B 274 9.39 0.18 21.33
N GLY B 275 9.69 1.19 20.50
CA GLY B 275 10.83 2.03 20.82
C GLY B 275 10.80 3.34 20.06
N GLN B 276 11.84 4.15 20.29
CA GLN B 276 11.90 5.53 19.78
C GLN B 276 12.50 5.53 18.37
N SER B 277 11.64 5.79 17.38
CA SER B 277 12.03 5.69 15.97
C SER B 277 13.17 6.65 15.61
N VAL B 278 13.15 7.87 16.13
CA VAL B 278 14.15 8.85 15.73
C VAL B 278 15.56 8.36 16.07
N ALA B 279 15.72 7.78 17.27
CA ALA B 279 17.03 7.27 17.66
C ALA B 279 17.47 6.13 16.75
N PHE B 280 16.56 5.18 16.47
CA PHE B 280 16.90 4.08 15.56
C PHE B 280 17.28 4.61 14.18
N ALA B 281 16.52 5.59 13.68
CA ALA B 281 16.79 6.12 12.34
C ALA B 281 18.16 6.78 12.28
N VAL B 282 18.55 7.49 13.34
CA VAL B 282 19.86 8.14 13.34
C VAL B 282 20.96 7.08 13.36
N GLU B 283 20.81 6.05 14.21
CA GLU B 283 21.82 5.01 14.28
C GLU B 283 21.89 4.18 13.00
N ALA B 284 20.80 4.10 12.24
CA ALA B 284 20.79 3.37 10.98
C ALA B 284 21.19 4.24 9.79
N GLY B 285 21.55 5.51 10.03
CA GLY B 285 22.06 6.36 8.97
C GLY B 285 21.04 7.00 8.05
N LEU B 286 19.74 6.99 8.40
CA LEU B 286 18.76 7.66 7.55
C LEU B 286 18.93 9.18 7.59
N GLY B 287 19.31 9.71 8.74
CA GLY B 287 19.45 11.14 8.88
C GLY B 287 20.08 11.50 10.21
N GLN B 288 19.95 12.77 10.57
CA GLN B 288 20.47 13.29 11.82
C GLN B 288 19.35 13.87 12.66
N ALA B 289 19.50 13.80 13.99
CA ALA B 289 18.59 14.48 14.89
C ALA B 289 18.67 16.00 14.67
N SER B 290 17.59 16.69 15.06
CA SER B 290 17.38 18.09 14.72
C SER B 290 16.82 18.86 15.92
N ARG B 291 16.76 20.18 15.78
CA ARG B 291 16.21 21.01 16.86
C ARG B 291 14.76 20.65 17.16
N MET B 292 13.94 20.49 16.12
CA MET B 292 12.55 20.16 16.37
C MET B 292 12.39 18.79 17.02
N GLY B 293 13.41 17.94 16.93
CA GLY B 293 13.37 16.62 17.51
C GLY B 293 13.23 15.50 16.51
N ALA B 294 12.96 15.81 15.25
CA ALA B 294 12.79 14.81 14.21
C ALA B 294 14.13 14.37 13.62
N CYS B 295 14.13 13.21 12.96
CA CYS B 295 15.24 12.80 12.12
C CYS B 295 15.14 13.51 10.78
N ILE B 296 16.15 14.31 10.43
CA ILE B 296 16.19 15.03 9.17
C ILE B 296 17.02 14.22 8.19
N THR B 297 16.43 13.91 7.02
CA THR B 297 17.06 13.12 5.98
C THR B 297 17.53 14.02 4.84
N PRO B 298 18.55 13.62 4.10
CA PRO B 298 18.96 14.45 2.94
C PRO B 298 17.89 14.51 1.86
N GLU B 299 17.14 13.43 1.66
CA GLU B 299 16.18 13.38 0.56
C GLU B 299 14.91 14.16 0.86
N PHE B 300 14.45 14.12 2.12
CA PHE B 300 13.14 14.67 2.45
C PHE B 300 13.16 15.67 3.59
N GLY B 301 14.32 16.00 4.14
CA GLY B 301 14.37 16.68 5.41
C GLY B 301 13.59 15.87 6.44
N PRO B 302 12.87 16.56 7.31
CA PRO B 302 12.04 15.86 8.31
C PRO B 302 10.66 15.43 7.81
N ASN B 303 10.34 15.71 6.55
CA ASN B 303 9.00 15.42 6.00
C ASN B 303 8.91 13.96 5.55
N VAL B 304 9.14 13.07 6.51
CA VAL B 304 9.20 11.64 6.23
C VAL B 304 8.81 10.90 7.49
N ARG B 305 8.00 9.86 7.35
CA ARG B 305 7.63 9.10 8.53
C ARG B 305 8.57 7.92 8.71
N LEU B 306 8.59 7.37 9.90
CA LEU B 306 9.52 6.31 10.25
C LEU B 306 8.76 5.11 10.79
N THR B 307 9.23 3.92 10.44
CA THR B 307 8.81 2.72 11.13
C THR B 307 10.01 1.79 11.19
N LYS B 308 9.87 0.68 11.91
CA LYS B 308 11.03 -0.18 12.09
C LYS B 308 10.59 -1.58 12.45
N VAL B 309 11.48 -2.53 12.17
CA VAL B 309 11.26 -3.96 12.38
C VAL B 309 12.51 -4.53 13.04
N PHE B 310 12.31 -5.36 14.07
CA PHE B 310 13.41 -5.96 14.83
C PHE B 310 13.56 -7.43 14.46
N THR B 311 14.80 -7.89 14.28
CA THR B 311 14.99 -9.23 13.77
C THR B 311 16.35 -9.79 14.18
N ASN B 312 16.42 -11.12 14.23
CA ASN B 312 17.68 -11.86 14.38
C ASN B 312 18.35 -12.18 13.04
N MET B 313 17.74 -11.80 11.92
CA MET B 313 18.38 -12.00 10.62
C MET B 313 19.75 -11.32 10.60
N PRO B 314 20.82 -12.05 10.26
CA PRO B 314 22.14 -11.41 10.13
C PRO B 314 22.13 -10.36 9.03
N LEU B 315 22.72 -9.20 9.32
CA LEU B 315 22.67 -8.05 8.45
C LEU B 315 23.94 -7.23 8.64
N VAL B 316 24.24 -6.38 7.67
CA VAL B 316 25.37 -5.46 7.73
C VAL B 316 24.86 -4.10 8.19
N PRO B 317 25.24 -3.61 9.37
CA PRO B 317 24.79 -2.28 9.79
C PRO B 317 25.26 -1.21 8.83
N ASP B 318 24.39 -0.22 8.60
CA ASP B 318 24.77 0.94 7.81
C ASP B 318 25.56 1.93 8.65
N LYS B 319 26.29 2.86 7.95
CA LYS B 319 27.03 3.86 8.73
C LYS B 319 26.13 5.05 9.07
N PRO B 320 26.27 5.66 10.24
CA PRO B 320 25.60 6.94 10.47
C PRO B 320 26.14 7.99 9.49
N ILE B 321 25.34 9.03 9.28
CA ILE B 321 25.70 10.08 8.33
C ILE B 321 25.74 11.41 9.04
N ASP B 322 26.67 12.26 8.60
CA ASP B 322 26.82 13.62 9.11
C ASP B 322 26.87 14.53 7.89
N PHE B 323 25.77 15.23 7.62
CA PHE B 323 25.78 16.24 6.57
C PHE B 323 25.51 17.62 7.13
N GLY B 324 25.86 17.83 8.40
CA GLY B 324 25.89 19.15 8.99
C GLY B 324 24.59 19.64 9.60
N VAL B 325 23.64 18.74 9.90
CA VAL B 325 22.37 19.19 10.45
C VAL B 325 22.56 19.88 11.79
N THR B 326 23.41 19.30 12.66
CA THR B 326 23.59 19.86 14.00
C THR B 326 24.05 21.30 13.93
N GLU B 327 25.05 21.58 13.08
CA GLU B 327 25.58 22.94 12.98
C GLU B 327 24.57 23.87 12.33
N PHE B 328 23.73 23.36 11.44
CA PHE B 328 22.70 24.20 10.82
C PHE B 328 21.61 24.53 11.84
N CYS B 329 21.14 23.52 12.60
CA CYS B 329 20.13 23.78 13.62
C CYS B 329 20.66 24.69 14.71
N GLU B 330 21.98 24.71 14.90
CA GLU B 330 22.54 25.57 15.94
C GLU B 330 22.19 27.04 15.70
N THR B 331 22.22 27.48 14.44
CA THR B 331 21.98 28.88 14.14
C THR B 331 20.62 29.15 13.49
N CYS B 332 19.86 28.12 13.10
CA CYS B 332 18.63 28.34 12.34
C CYS B 332 17.47 28.81 13.22
N LYS B 333 16.91 27.91 14.03
CA LYS B 333 15.80 28.18 14.95
C LYS B 333 14.49 28.61 14.24
N LYS B 334 14.34 28.30 12.95
CA LYS B 334 13.11 28.68 12.25
C LYS B 334 11.90 27.94 12.80
N CYS B 335 12.03 26.64 13.06
CA CYS B 335 10.93 25.87 13.64
C CYS B 335 10.52 26.45 14.99
N ALA B 336 11.50 26.82 15.81
CA ALA B 336 11.21 27.35 17.14
C ALA B 336 10.45 28.68 17.05
N ARG B 337 10.79 29.52 16.07
CA ARG B 337 10.09 30.81 16.00
C ARG B 337 8.69 30.69 15.42
N GLU B 338 8.46 29.70 14.56
CA GLU B 338 7.17 29.52 13.90
C GLU B 338 6.22 28.60 14.67
N CYS B 339 6.71 27.82 15.63
CA CYS B 339 5.87 26.86 16.34
C CYS B 339 4.73 27.57 17.06
N PRO B 340 3.47 27.24 16.77
CA PRO B 340 2.35 28.01 17.36
C PRO B 340 2.21 27.86 18.87
N SER B 341 2.89 26.91 19.50
CA SER B 341 2.78 26.69 20.94
C SER B 341 4.07 26.96 21.68
N LYS B 342 5.11 27.43 21.00
CA LYS B 342 6.43 27.65 21.62
C LYS B 342 6.93 26.39 22.32
N ALA B 343 6.68 25.23 21.70
CA ALA B 343 7.13 23.96 22.26
C ALA B 343 8.62 23.72 22.05
N ILE B 344 9.20 24.30 21.00
CA ILE B 344 10.56 24.00 20.56
C ILE B 344 11.52 25.02 21.15
N THR B 345 12.58 24.55 21.78
CA THR B 345 13.53 25.43 22.46
C THR B 345 14.39 26.20 21.45
N GLU B 346 14.76 27.42 21.83
CA GLU B 346 15.80 28.16 21.12
C GLU B 346 17.16 28.01 21.79
N GLY B 347 17.24 27.27 22.90
CA GLY B 347 18.47 27.13 23.64
C GLY B 347 19.36 26.03 23.10
N PRO B 348 20.43 25.74 23.82
CA PRO B 348 21.37 24.69 23.39
C PRO B 348 20.92 23.30 23.85
N ARG B 349 21.60 22.29 23.31
CA ARG B 349 21.30 20.92 23.68
C ARG B 349 21.80 20.63 25.08
N THR B 350 21.04 19.80 25.82
CA THR B 350 21.44 19.38 27.16
C THR B 350 21.11 17.90 27.33
N PHE B 351 21.56 17.32 28.46
CA PHE B 351 21.20 15.96 28.84
C PHE B 351 20.01 15.91 29.78
N GLU B 352 19.38 17.04 30.07
CA GLU B 352 18.34 17.12 31.08
C GLU B 352 16.99 17.39 30.41
N GLY B 353 16.04 16.49 30.59
CA GLY B 353 14.74 16.65 29.98
C GLY B 353 13.98 17.83 30.55
N ARG B 354 13.14 18.42 29.71
CA ARG B 354 12.34 19.53 30.20
C ARG B 354 11.16 19.07 31.06
N SER B 355 10.65 17.87 30.80
CA SER B 355 9.53 17.36 31.59
C SER B 355 9.50 15.84 31.46
N ILE B 356 8.47 15.23 32.04
CA ILE B 356 8.31 13.78 32.04
C ILE B 356 8.29 13.21 30.63
N HIS B 357 7.92 14.01 29.63
CA HIS B 357 7.80 13.48 28.26
C HIS B 357 9.14 13.27 27.59
N ASN B 358 10.22 13.86 28.10
CA ASN B 358 11.56 13.67 27.54
C ASN B 358 12.32 12.57 28.28
N GLN B 359 13.15 11.84 27.53
CA GLN B 359 14.08 10.89 28.12
C GLN B 359 15.38 11.62 28.44
N SER B 360 15.67 11.79 29.74
CA SER B 360 16.92 12.41 30.15
C SER B 360 18.10 11.47 29.92
N GLY B 361 19.29 12.05 29.86
CA GLY B 361 20.50 11.29 29.70
C GLY B 361 21.04 11.19 28.29
N LYS B 362 20.48 11.93 27.34
CA LYS B 362 21.00 11.93 25.97
C LYS B 362 21.03 13.35 25.48
N LEU B 363 22.10 13.70 24.78
CA LEU B 363 22.29 15.07 24.32
C LEU B 363 21.35 15.37 23.17
N GLN B 364 20.43 16.32 23.37
CA GLN B 364 19.43 16.65 22.36
C GLN B 364 18.85 18.01 22.68
N TRP B 365 18.19 18.61 21.69
CA TRP B 365 17.38 19.78 21.99
C TRP B 365 16.13 19.33 22.72
N GLN B 366 15.89 19.89 23.92
CA GLN B 366 14.82 19.44 24.80
C GLN B 366 13.58 20.29 24.54
N ASN B 367 12.50 19.66 24.06
CA ASN B 367 11.29 20.38 23.73
C ASN B 367 10.15 20.02 24.68
N ASP B 368 9.17 20.92 24.79
CA ASP B 368 8.01 20.72 25.68
C ASP B 368 6.88 20.14 24.85
N TYR B 369 6.71 18.82 24.93
CA TYR B 369 5.78 18.13 24.06
C TYR B 369 4.35 18.16 24.58
N ASN B 370 4.12 18.57 25.82
CA ASN B 370 2.76 18.87 26.25
C ASN B 370 2.26 20.17 25.61
N LYS B 371 3.15 21.16 25.44
CA LYS B 371 2.77 22.37 24.72
C LYS B 371 2.39 22.07 23.27
N CYS B 372 3.20 21.24 22.59
CA CYS B 372 2.86 20.82 21.24
C CYS B 372 1.46 20.17 21.19
N LEU B 373 1.24 19.13 22.01
CA LEU B 373 -0.04 18.43 21.94
C LEU B 373 -1.21 19.37 22.23
N GLY B 374 -1.02 20.34 23.12
CA GLY B 374 -2.09 21.27 23.44
C GLY B 374 -2.58 22.06 22.24
N TYR B 375 -1.74 22.24 21.22
CA TYR B 375 -2.17 22.95 20.04
C TYR B 375 -3.02 22.09 19.10
N TRP B 376 -3.03 20.76 19.29
CA TRP B 376 -3.77 19.90 18.35
C TRP B 376 -5.29 20.03 18.50
N PRO B 377 -5.88 19.94 19.70
CA PRO B 377 -7.33 20.23 19.79
C PRO B 377 -7.68 21.63 19.38
N GLU B 378 -6.79 22.59 19.66
CA GLU B 378 -7.03 23.98 19.31
C GLU B 378 -7.15 24.15 17.80
N SER B 379 -6.32 23.45 17.04
CA SER B 379 -6.27 23.61 15.60
C SER B 379 -7.04 22.53 14.85
N GLY B 380 -7.51 21.49 15.53
CA GLY B 380 -8.25 20.45 14.87
C GLY B 380 -7.42 19.54 13.98
N GLY B 381 -6.12 19.45 14.22
CA GLY B 381 -5.28 18.64 13.36
C GLY B 381 -4.03 18.11 14.05
N TYR B 382 -2.98 17.80 13.29
CA TYR B 382 -1.74 17.30 13.85
C TYR B 382 -0.60 18.29 13.65
N CYS B 383 -0.93 19.58 13.48
CA CYS B 383 0.00 20.66 13.21
C CYS B 383 1.00 20.28 12.12
N GLY B 384 2.28 20.18 12.47
CA GLY B 384 3.34 19.94 11.50
C GLY B 384 3.98 21.19 10.95
N VAL B 385 3.72 22.35 11.56
CA VAL B 385 4.31 23.61 11.08
C VAL B 385 5.83 23.54 11.10
N CYS B 386 6.39 22.90 12.15
CA CYS B 386 7.85 22.76 12.22
C CYS B 386 8.40 22.01 11.02
N VAL B 387 7.76 20.90 10.64
CA VAL B 387 8.19 20.18 9.45
C VAL B 387 8.04 21.05 8.21
N ALA B 388 6.92 21.77 8.11
CA ALA B 388 6.65 22.55 6.91
C ALA B 388 7.66 23.67 6.70
N VAL B 389 8.13 24.32 7.78
CA VAL B 389 8.98 25.49 7.62
C VAL B 389 10.46 25.15 7.59
N CYS B 390 10.83 23.91 7.89
CA CYS B 390 12.25 23.56 7.96
C CYS B 390 12.89 23.67 6.59
N PRO B 391 14.02 24.38 6.47
CA PRO B 391 14.69 24.48 5.16
C PRO B 391 15.02 23.13 4.53
N PHE B 392 15.29 22.09 5.34
CA PHE B 392 15.62 20.79 4.77
C PHE B 392 14.42 20.13 4.09
N THR B 393 13.20 20.56 4.43
CA THR B 393 12.02 20.02 3.78
C THR B 393 11.89 20.48 2.33
N LYS B 394 12.46 21.63 1.96
CA LYS B 394 12.24 22.18 0.62
C LYS B 394 13.06 21.47 -0.48
N ASN B 431 -2.70 27.67 -1.24
CA ASN B 431 -3.83 27.33 -0.41
C ASN B 431 -4.31 25.92 -0.71
N ILE B 432 -5.32 25.47 0.03
CA ILE B 432 -5.71 24.06 -0.07
C ILE B 432 -6.48 23.79 -1.37
N THR B 433 -7.26 24.74 -1.87
CA THR B 433 -7.88 24.57 -3.19
C THR B 433 -6.83 24.28 -4.25
N GLU B 434 -5.72 25.01 -4.21
CA GLU B 434 -4.66 24.77 -5.19
C GLU B 434 -4.02 23.40 -4.99
N VAL B 435 -3.99 22.88 -3.77
CA VAL B 435 -3.47 21.54 -3.58
C VAL B 435 -4.40 20.51 -4.23
N TRP B 436 -5.71 20.60 -3.94
CA TRP B 436 -6.68 19.68 -4.55
C TRP B 436 -6.70 19.78 -6.07
N ASP B 437 -6.46 20.96 -6.61
CA ASP B 437 -6.45 21.15 -8.06
C ASP B 437 -5.07 20.94 -8.67
N GLY B 438 -4.06 20.64 -7.87
CA GLY B 438 -2.70 20.67 -8.38
C GLY B 438 -2.04 19.32 -8.55
N LYS B 439 -0.72 19.32 -8.52
CA LYS B 439 0.08 18.15 -8.85
C LYS B 439 -0.09 17.04 -7.81
N ILE B 440 -0.24 15.81 -8.28
CA ILE B 440 -0.24 14.64 -7.41
C ILE B 440 0.23 13.45 -8.26
N ASN B 441 0.67 12.41 -7.59
CA ASN B 441 1.14 11.20 -8.26
C ASN B 441 0.96 10.07 -7.25
N THR B 442 1.37 8.86 -7.63
CA THR B 442 1.02 7.68 -6.83
C THR B 442 1.60 7.78 -5.41
N TYR B 443 0.75 7.52 -4.42
CA TYR B 443 1.11 7.61 -3.00
C TYR B 443 1.60 9.00 -2.61
N GLY B 444 1.28 10.01 -3.41
CA GLY B 444 1.76 11.36 -3.10
C GLY B 444 3.23 11.58 -3.37
N LEU B 445 3.91 10.61 -3.97
CA LEU B 445 5.31 10.77 -4.37
C LEU B 445 5.42 11.74 -5.54
N ASP B 446 6.62 12.31 -5.70
CA ASP B 446 6.88 13.38 -6.66
C ASP B 446 7.90 12.90 -7.68
N ALA B 447 7.49 12.82 -8.94
CA ALA B 447 8.40 12.35 -9.98
C ALA B 447 9.58 13.28 -10.21
N ASP B 448 9.47 14.54 -9.78
CA ASP B 448 10.61 15.44 -9.91
C ASP B 448 11.77 15.04 -9.02
N HIS B 449 11.53 14.23 -8.00
CA HIS B 449 12.57 13.83 -7.06
C HIS B 449 12.69 12.32 -6.88
N PHE B 450 11.76 11.54 -7.43
CA PHE B 450 11.72 10.11 -7.18
C PHE B 450 13.01 9.41 -7.61
N ARG B 451 13.74 9.98 -8.58
CA ARG B 451 15.03 9.40 -8.95
C ARG B 451 16.01 9.35 -7.77
N ASP B 452 15.87 10.26 -6.81
CA ASP B 452 16.82 10.28 -5.70
C ASP B 452 16.77 9.02 -4.84
N THR B 453 15.69 8.23 -4.88
CA THR B 453 15.62 7.01 -4.07
C THR B 453 15.79 5.75 -4.92
N VAL B 454 16.29 5.89 -6.16
CA VAL B 454 16.60 4.70 -6.93
C VAL B 454 17.71 3.94 -6.21
N SER B 455 17.71 2.61 -6.36
CA SER B 455 18.64 1.78 -5.60
C SER B 455 19.15 0.63 -6.46
N PHE B 456 20.46 0.41 -6.39
CA PHE B 456 21.14 -0.75 -6.96
C PHE B 456 21.87 -1.46 -5.82
N ARG B 457 22.36 -2.67 -6.10
CA ARG B 457 23.05 -3.44 -5.05
C ARG B 457 24.18 -2.63 -4.42
N LYS B 458 24.89 -1.84 -5.23
CA LYS B 458 26.06 -1.12 -4.69
C LYS B 458 25.68 -0.21 -3.54
N ASP B 459 24.48 0.39 -3.57
CA ASP B 459 24.07 1.25 -2.48
C ASP B 459 23.25 0.53 -1.42
N ARG B 460 22.91 -0.75 -1.62
CA ARG B 460 22.24 -1.49 -0.56
C ARG B 460 23.21 -2.16 0.39
N VAL B 461 24.37 -2.60 -0.09
CA VAL B 461 25.31 -3.25 0.82
C VAL B 461 26.74 -3.10 0.33
FE1 SF4 C . 0.46 -7.88 -26.96
FE2 SF4 C . -1.62 -7.96 -28.73
FE3 SF4 C . -0.52 -10.27 -27.78
FE4 SF4 C . 0.88 -8.69 -29.51
S1 SF4 C . -1.11 -9.79 -29.97
S2 SF4 C . 1.68 -9.66 -27.60
S3 SF4 C . 0.24 -6.64 -28.89
S4 SF4 C . -1.63 -8.76 -26.57
FE1 SF4 D . 1.16 -17.96 -19.44
FE2 SF4 D . -0.33 -15.97 -20.52
FE3 SF4 D . -0.22 -18.42 -21.70
FE4 SF4 D . -1.47 -18.11 -19.33
S1 SF4 D . -2.10 -17.15 -21.32
S2 SF4 D . -0.04 -19.82 -19.86
S3 SF4 D . -0.26 -16.56 -18.28
S4 SF4 D . 1.47 -16.98 -21.51
P BVQ E . -13.88 -13.94 -20.79
CO BVQ E . -6.22 -13.33 -14.52
C1 BVQ E . -7.32 -10.70 -14.34
C2 BVQ E . -6.79 -9.31 -13.85
O2 BVQ E . -13.03 -12.56 -20.59
C3 BVQ E . -5.38 -9.24 -14.54
O3 BVQ E . -13.84 -14.51 -19.28
C4 BVQ E . -5.05 -10.69 -14.71
O4 BVQ E . -15.25 -13.64 -21.25
C5 BVQ E . -3.67 -11.19 -15.01
O5 BVQ E . -12.99 -14.89 -21.57
C6 BVQ E . -3.42 -12.53 -15.25
C7 BVQ E . -2.11 -13.22 -15.61
C8 BVQ E . -2.68 -14.40 -16.46
C9 BVQ E . -4.02 -14.60 -15.80
C10 BVQ E . -4.65 -15.83 -15.84
C11 BVQ E . -5.91 -16.10 -15.32
C12 BVQ E . -6.52 -17.47 -15.46
C13 BVQ E . -7.91 -17.32 -14.76
C14 BVQ E . -7.92 -15.78 -14.40
C15 BVQ E . -8.96 -15.17 -13.74
C16 BVQ E . -8.99 -13.70 -13.49
C17 BVQ E . -10.09 -12.89 -12.81
C18 BVQ E . -9.64 -11.48 -13.21
C19 BVQ E . -8.10 -11.59 -13.30
N1B BVQ E . -12.46 -9.58 -20.96
C1P BVQ E . -14.40 -14.58 -16.90
C1R BVQ E . -11.22 -10.21 -20.54
C20 BVQ E . -8.10 -10.65 -15.65
N21 BVQ E . -6.10 -11.46 -14.58
N22 BVQ E . -4.48 -13.45 -15.30
N23 BVQ E . -6.69 -15.18 -14.75
N24 BVQ E . -7.92 -12.99 -13.76
C25 BVQ E . -7.77 -8.16 -14.19
C26 BVQ E . -6.48 -9.37 -12.30
C27 BVQ E . -5.93 -8.09 -11.65
O28 BVQ E . -5.49 -7.17 -12.34
N29 BVQ E . -5.97 -8.04 -10.33
C2B BVQ E . -13.47 -9.48 -20.11
C2P BVQ E . -14.73 -13.98 -18.31
C2R BVQ E . -10.91 -11.55 -21.21
C30 BVQ E . -5.43 -8.46 -15.88
C31 BVQ E . -4.89 -7.04 -15.76
C32 BVQ E . -5.12 -6.21 -17.00
N33 BVQ E . -4.16 -5.35 -17.31
O34 BVQ E . -6.15 -6.33 -17.66
C35 BVQ E . -2.66 -10.08 -15.05
C36 BVQ E . -1.08 -12.45 -16.47
C37 BVQ E . -1.47 -13.89 -14.37
C38 BVQ E . -0.66 -12.94 -13.49
O39 BVQ E . -1.18 -11.94 -12.99
N3B BVQ E . -14.53 -8.76 -20.58
C3R BVQ E . -11.65 -12.51 -20.29
N40 BVQ E . 0.60 -13.27 -13.28
C41 BVQ E . -2.91 -13.86 -17.88
C42 BVQ E . -3.78 -14.74 -18.79
C43 BVQ E . -4.33 -14.00 -19.99
O44 BVQ E . -5.02 -12.98 -19.86
N45 BVQ E . -4.04 -14.51 -21.17
C46 BVQ E . -5.71 -18.55 -14.72
C47 BVQ E . -6.55 -17.82 -16.96
C48 BVQ E . -9.09 -17.83 -15.62
C49 BVQ E . -9.78 -16.79 -16.52
N4B BVQ E . -14.91 -7.61 -22.68
C4R BVQ E . -11.42 -11.89 -18.90
C50 BVQ E . -11.15 -17.28 -16.95
O51 BVQ E . -11.68 -18.27 -16.41
N52 BVQ E . -11.75 -16.58 -17.90
C53 BVQ E . -10.15 -15.95 -13.25
C54 BVQ E . -10.00 -13.13 -11.30
C55 BVQ E . -11.57 -13.01 -13.30
C56 BVQ E . -11.72 -12.87 -14.82
C57 BVQ E . -13.10 -13.31 -15.26
O58 BVQ E . -14.10 -12.98 -14.63
N59 BVQ E . -13.16 -14.04 -16.36
C5B BVQ E . -14.24 -7.38 -23.81
C5R BVQ E . -10.20 -12.35 -18.15
C60 BVQ E . -10.08 -10.36 -12.24
C61 BVQ E . -11.47 -9.87 -12.57
N62 BVQ E . -12.38 -9.97 -11.61
O63 BVQ E . -11.73 -9.42 -13.70
N6B BVQ E . -13.02 -7.80 -24.17
O6R BVQ E . -11.29 -10.47 -19.14
N7A BVQ E . -11.11 -9.01 -23.68
C7B BVQ E . -12.31 -8.55 -23.30
O7R BVQ E . -11.42 -11.62 -22.54
C8B BVQ E . -12.90 -8.85 -22.06
O8R BVQ E . -10.23 -13.76 -17.91
C9B BVQ E . -14.18 -8.35 -21.84
C1 GOL F . -8.32 -20.16 -4.94
O1 GOL F . -7.93 -20.10 -6.30
C2 GOL F . -9.67 -20.84 -4.82
O2 GOL F . -9.95 -21.55 -6.01
C3 GOL F . -10.77 -19.80 -4.59
O3 GOL F . -10.70 -19.33 -3.28
C1 GOL G . -8.80 -3.32 7.84
O1 GOL G . -8.49 -4.04 9.00
C2 GOL G . -10.30 -3.26 7.70
O2 GOL G . -10.85 -2.56 8.80
C3 GOL G . -10.85 -4.69 7.66
O3 GOL G . -12.17 -4.67 7.16
C1 GOL H . -11.22 -6.57 -35.79
O1 GOL H . -12.40 -5.86 -36.10
C2 GOL H . -11.51 -8.06 -35.77
O2 GOL H . -12.73 -8.30 -35.07
C3 GOL H . -10.34 -8.80 -35.11
O3 GOL H . -10.37 -10.17 -35.45
C1 GOL I . -16.40 -13.92 -38.66
O1 GOL I . -15.17 -13.55 -39.27
C2 GOL I . -16.46 -13.31 -37.27
O2 GOL I . -15.40 -13.82 -36.48
C3 GOL I . -17.79 -13.68 -36.61
O3 GOL I . -17.84 -13.09 -35.33
C1 GOL J . -5.35 6.37 -34.85
O1 GOL J . -4.47 6.11 -35.93
C2 GOL J . -5.49 5.12 -34.00
O2 GOL J . -4.66 4.12 -34.55
C3 GOL J . -6.94 4.65 -34.02
O3 GOL J . -7.00 3.23 -34.01
C1 GOL K . -9.80 -26.12 -26.73
O1 GOL K . -8.90 -25.02 -26.75
C2 GOL K . -11.20 -25.68 -27.14
O2 GOL K . -11.13 -24.59 -28.02
C3 GOL K . -12.00 -25.29 -25.89
O3 GOL K . -11.88 -26.31 -24.92
C4 3CH L . -2.12 -15.64 -8.90
C5 3CH L . -2.17 -14.57 -9.76
C3 3CH L . -3.28 -16.10 -8.33
C6 3CH L . -3.38 -13.95 -10.04
C2 3CH L . -4.49 -15.50 -8.58
C1 3CH L . -4.54 -14.42 -9.44
OH 3CH L . -5.73 -13.80 -9.70
CL 3CH L . -3.23 -17.52 -7.33
FE1 SF4 M . 14.85 22.70 10.63
FE2 SF4 M . 16.82 22.74 12.46
FE3 SF4 M . 14.42 23.70 13.13
FE4 SF4 M . 16.03 25.03 11.33
S1 SF4 M . 16.46 24.68 13.60
S2 SF4 M . 13.79 24.61 11.09
S3 SF4 M . 17.03 23.33 10.26
S4 SF4 M . 14.85 21.55 12.64
FE1 SF4 N . 3.35 22.32 15.67
FE2 SF4 N . 5.82 21.30 15.58
FE3 SF4 N . 4.17 20.75 17.65
FE4 SF4 N . 5.19 23.25 17.41
S1 SF4 N . 6.37 21.32 17.79
S2 SF4 N . 3.01 22.73 17.90
S3 SF4 N . 5.28 23.48 15.17
S4 SF4 N . 3.90 20.07 15.52
P BVQ O . 12.51 12.70 23.83
CO BVQ O . 5.43 12.62 16.90
C1 BVQ O . 7.29 10.74 15.87
C2 BVQ O . 7.59 10.09 14.46
O2 BVQ O . 12.86 12.49 22.26
C3 BVQ O . 7.55 11.35 13.51
O3 BVQ O . 11.09 11.95 23.90
C4 BVQ O . 6.67 12.28 14.31
O4 BVQ O . 13.56 12.09 24.68
C5 BVQ O . 6.04 13.51 13.72
O5 BVQ O . 12.22 14.17 23.96
C6 BVQ O . 5.35 14.42 14.51
C7 BVQ O . 4.68 15.74 14.12
C8 BVQ O . 4.86 16.51 15.47
C9 BVQ O . 4.79 15.37 16.45
C10 BVQ O . 4.32 15.55 17.74
C11 BVQ O . 4.28 14.55 18.72
C12 BVQ O . 3.78 14.85 20.11
C13 BVQ O . 3.98 13.50 20.89
C14 BVQ O . 4.63 12.59 19.78
C15 BVQ O . 4.92 11.26 19.98
C16 BVQ O . 5.61 10.45 18.93
C17 BVQ O . 6.06 9.00 19.05
C18 BVQ O . 6.98 8.92 17.81
C19 BVQ O . 6.35 9.94 16.84
N1B BVQ O . 14.65 11.79 19.90
C1P BVQ O . 9.58 10.05 23.97
C1R BVQ O . 13.48 12.48 19.37
C20 BVQ O . 8.53 11.15 16.66
N21 BVQ O . 6.54 11.93 15.55
N22 BVQ O . 5.29 14.25 15.90
N23 BVQ O . 4.72 13.31 18.55
N24 BVQ O . 5.78 10.96 17.74
C25 BVQ O . 8.90 9.31 14.45
C26 BVQ O . 6.38 9.18 14.03
C27 BVQ O . 6.42 8.53 12.63
O28 BVQ O . 7.27 8.89 11.79
N29 BVQ O . 5.52 7.59 12.41
C2B BVQ O . 14.49 10.59 20.45
C2P BVQ O . 11.05 10.54 24.14
C2R BVQ O . 13.05 13.73 20.15
C30 BVQ O . 8.94 11.92 13.21
C31 BVQ O . 9.53 11.47 11.86
C32 BVQ O . 10.97 11.88 11.70
N33 BVQ O . 11.34 12.29 10.48
O34 BVQ O . 11.76 11.85 12.65
C35 BVQ O . 6.27 13.61 12.23
C36 BVQ O . 5.30 16.58 12.99
C37 BVQ O . 3.16 15.54 13.93
C38 BVQ O . 2.75 15.00 12.53
O39 BVQ O . 3.24 13.95 12.10
N3B BVQ O . 15.66 9.98 20.76
C3R BVQ O . 12.14 13.09 21.20
N40 BVQ O . 1.86 15.70 11.85
C41 BVQ O . 6.29 17.09 15.51
C42 BVQ O . 6.72 17.63 16.87
C43 BVQ O . 8.22 17.66 17.05
O44 BVQ O . 8.88 16.62 17.05
N45 BVQ O . 8.75 18.86 17.22
C46 BVQ O . 2.32 15.29 20.16
C47 BVQ O . 4.67 16.01 20.61
C48 BVQ O . 4.74 13.64 22.23
C49 BVQ O . 6.26 13.39 22.19
N4B BVQ O . 17.97 10.65 20.53
C4R BVQ O . 11.43 11.99 20.41
C50 BVQ O . 6.81 13.09 23.56
O51 BVQ O . 6.06 12.88 24.52
N52 BVQ O . 8.13 13.04 23.66
C53 BVQ O . 4.56 10.57 21.27
C54 BVQ O . 4.81 8.11 18.92
C55 BVQ O . 6.90 8.57 20.29
C56 BVQ O . 8.09 9.52 20.53
C57 BVQ O . 8.70 9.17 21.86
O58 BVQ O . 8.82 8.01 22.23
N59 BVQ O . 9.10 10.20 22.61
C5B BVQ O . 18.65 11.72 20.10
C5R BVQ O . 10.13 12.40 19.75
C60 BVQ O . 7.17 7.52 17.22
C61 BVQ O . 8.26 6.74 17.92
N62 BVQ O . 7.93 5.55 18.37
O63 BVQ O . 9.38 7.23 18.08
N6B BVQ O . 18.18 12.86 19.59
O6R BVQ O . 12.38 11.60 19.38
N7A BVQ O . 16.38 14.16 18.94
C7B BVQ O . 16.85 13.02 19.45
O7R BVQ O . 14.17 14.33 20.77
C8B BVQ O . 16.02 11.95 19.87
O8R BVQ O . 9.17 12.80 20.72
C9B BVQ O . 16.66 10.83 20.39
C1 GOL P . -4.63 8.08 21.25
O1 GOL P . -3.49 8.90 21.30
C2 GOL P . -4.66 7.22 22.50
O2 GOL P . -3.58 7.60 23.34
C3 GOL P . -4.51 5.75 22.13
O3 GOL P . -3.40 5.20 22.80
C1 GOL Q . -3.40 -8.64 7.94
O1 GOL Q . -4.78 -8.88 8.13
C2 GOL Q . -2.63 -9.43 8.98
O2 GOL Q . -2.79 -10.83 8.75
C3 GOL Q . -3.19 -9.08 10.36
O3 GOL Q . -2.35 -9.61 11.37
C4 3CH R . -1.62 12.17 14.67
C5 3CH R . -0.39 12.24 14.04
C3 3CH R . -1.77 11.32 15.74
C6 3CH R . 0.67 11.47 14.48
C2 3CH R . -0.73 10.52 16.18
C1 3CH R . 0.49 10.61 15.54
OH 3CH R . 1.54 9.85 15.98
CL 3CH R . -3.30 11.26 16.57
#